data_9B81
#
_entry.id   9B81
#
_cell.length_a   82.790
_cell.length_b   82.790
_cell.length_c   302.160
_cell.angle_alpha   90.00
_cell.angle_beta   90.00
_cell.angle_gamma   90.00
#
_symmetry.space_group_name_H-M   'P 43 21 2'
#
loop_
_entity.id
_entity.type
_entity.pdbx_description
1 polymer 'Isocitrate dehydrogenase [NADP] cytoplasmic'
2 non-polymer 2-methyl-2-(6-{4-[(2S)-1,1,1-trifluoro-2-hydroxypropan-2-yl]benzoyl}-6,11-dihydro-5H-pyrido[2,3-b][1,5]benzodiazepin-8-yl)propanenitrile
3 non-polymer 'NADP NICOTINAMIDE-ADENINE-DINUCLEOTIDE PHOSPHATE'
4 non-polymer GLYCEROL
5 water water
#
_entity_poly.entity_id   1
_entity_poly.type   'polypeptide(L)'
_entity_poly.pdbx_seq_one_letter_code
;MSKKISGGSVVEMQGDEMTRIIWELIKEKLIFPYVELDLHSYDLGIENRDATNDQVTKDAAEAIKKHNVGVKCATITPDE
KRVEEFKLKQMWKSPNGTIRNILGGTVFREAIICKNIPRLVSGWVKPIIIGHHAYGDQYRATDFVVPGPGKVEITYTPSD
GTQKVTYLVHNFEEGGGVAMGMYNQDKSIEDFAHSSFQMALSKGWPLYLSTKNTILKKYDGRFKDIFQEIYDKQYKSQFE
AQKIWYEHRLIDDMVAQAMKSEGGFIWACKNYDGDVQSDSVAQGYGSLGMMTSVLVCPDGKTVEAEAAHGTVTRHYRMYQ
KGQETSTNPIASIFAWTRGLAHRAKLDNNKELAFFANALEEVSIETIEAGFMTKDLAACIKGLPNVQRSDYLNTFEFMDK
LGENLKIKLAQAKLLEHHHHHHHH
;
_entity_poly.pdbx_strand_id   A,B
#
loop_
_chem_comp.id
_chem_comp.type
_chem_comp.name
_chem_comp.formula
A1AI4 non-polymer 2-methyl-2-(6-{4-[(2S)-1,1,1-trifluoro-2-hydroxypropan-2-yl]benzoyl}-6,11-dihydro-5H-pyrido[2,3-b][1,5]benzodiazepin-8-yl)propanenitrile 'C26 H23 F3 N4 O2'
GOL non-polymer GLYCEROL 'C3 H8 O3'
NAP non-polymer 'NADP NICOTINAMIDE-ADENINE-DINUCLEOTIDE PHOSPHATE' 'C21 H28 N7 O17 P3'
#
# COMPACT_ATOMS: atom_id res chain seq x y z
N LYS A 3 11.32 40.02 24.94
CA LYS A 3 10.18 40.17 24.04
C LYS A 3 9.91 38.90 23.21
N LYS A 4 8.65 38.72 22.80
CA LYS A 4 8.21 37.58 22.00
C LYS A 4 8.45 37.89 20.52
N ILE A 5 8.47 36.85 19.68
CA ILE A 5 8.66 36.97 18.25
C ILE A 5 7.38 37.47 17.59
N SER A 6 7.51 38.38 16.60
CA SER A 6 6.39 38.89 15.81
C SER A 6 6.29 37.88 14.68
N GLY A 7 5.28 37.03 14.77
CA GLY A 7 5.06 35.96 13.82
C GLY A 7 4.29 36.33 12.57
N GLY A 8 3.60 37.46 12.59
CA GLY A 8 2.81 37.86 11.43
C GLY A 8 1.46 37.18 11.32
N SER A 9 0.93 37.14 10.09
CA SER A 9 -0.39 36.64 9.76
C SER A 9 -0.58 35.10 9.61
N VAL A 10 -1.35 34.50 10.55
CA VAL A 10 -1.60 33.06 10.54
C VAL A 10 -3.09 32.77 10.64
N VAL A 11 -3.61 31.87 9.79
CA VAL A 11 -5.01 31.45 9.81
C VAL A 11 -5.04 30.18 10.66
N GLU A 12 -5.81 30.21 11.73
CA GLU A 12 -5.92 29.10 12.66
C GLU A 12 -7.39 28.57 12.71
N MET A 13 -7.54 27.23 12.62
CA MET A 13 -8.85 26.58 12.65
C MET A 13 -8.92 25.58 13.81
N GLN A 14 -9.81 25.87 14.76
CA GLN A 14 -10.09 25.04 15.93
C GLN A 14 -10.95 23.85 15.51
N GLY A 15 -10.75 22.71 16.15
CA GLY A 15 -11.45 21.50 15.78
C GLY A 15 -12.27 20.86 16.86
N ASP A 16 -12.32 19.53 16.83
CA ASP A 16 -13.13 18.76 17.77
C ASP A 16 -12.44 17.70 18.60
N GLU A 17 -13.16 17.32 19.68
CA GLU A 17 -12.86 16.25 20.61
C GLU A 17 -11.50 16.29 21.31
N MET A 18 -10.70 15.19 21.28
CA MET A 18 -9.40 15.19 21.95
C MET A 18 -8.41 16.17 21.32
N THR A 19 -8.49 16.31 19.98
CA THR A 19 -7.64 17.22 19.21
C THR A 19 -7.85 18.69 19.58
N ARG A 20 -9.09 19.11 19.91
CA ARG A 20 -9.42 20.47 20.33
C ARG A 20 -8.76 20.77 21.66
N ILE A 21 -8.79 19.80 22.59
CA ILE A 21 -8.16 19.93 23.92
C ILE A 21 -6.63 20.10 23.78
N ILE A 22 -6.00 19.23 22.96
CA ILE A 22 -4.56 19.33 22.78
C ILE A 22 -4.09 20.61 22.03
N TRP A 23 -4.91 21.07 21.05
CA TRP A 23 -4.68 22.27 20.25
C TRP A 23 -4.55 23.50 21.15
N GLU A 24 -5.44 23.62 22.16
CA GLU A 24 -5.44 24.68 23.17
C GLU A 24 -4.18 24.61 24.01
N LEU A 25 -3.73 23.40 24.40
CA LEU A 25 -2.50 23.17 25.18
C LEU A 25 -1.25 23.57 24.41
N ILE A 26 -1.21 23.29 23.08
CA ILE A 26 -0.10 23.64 22.20
C ILE A 26 -0.01 25.17 22.16
N LYS A 27 -1.15 25.84 21.94
CA LYS A 27 -1.21 27.29 21.86
C LYS A 27 -0.74 27.97 23.14
N GLU A 28 -1.26 27.52 24.28
CA GLU A 28 -0.99 28.01 25.63
C GLU A 28 0.44 27.75 26.12
N LYS A 29 0.92 26.50 25.99
CA LYS A 29 2.22 26.07 26.51
C LYS A 29 3.41 26.20 25.58
N LEU A 30 3.20 25.98 24.26
CA LEU A 30 4.26 25.97 23.26
C LEU A 30 4.36 27.14 22.30
N ILE A 31 3.21 27.67 21.84
CA ILE A 31 3.21 28.75 20.85
C ILE A 31 3.16 30.15 21.45
N PHE A 32 2.04 30.49 22.16
CA PHE A 32 1.80 31.80 22.78
C PHE A 32 2.91 32.34 23.72
N PRO A 33 3.59 31.52 24.57
CA PRO A 33 4.65 32.08 25.44
C PRO A 33 5.87 32.65 24.71
N TYR A 34 5.98 32.42 23.37
CA TYR A 34 7.11 32.86 22.56
C TYR A 34 6.75 33.63 21.29
N VAL A 35 5.54 33.44 20.76
CA VAL A 35 5.16 34.08 19.51
C VAL A 35 3.88 34.88 19.61
N GLU A 36 3.92 36.11 19.07
CA GLU A 36 2.75 36.98 18.97
C GLU A 36 2.29 36.83 17.52
N LEU A 37 1.00 36.61 17.30
CA LEU A 37 0.53 36.44 15.93
C LEU A 37 -0.66 37.34 15.62
N ASP A 38 -0.81 37.70 14.34
CA ASP A 38 -1.98 38.45 13.85
C ASP A 38 -2.88 37.27 13.49
N LEU A 39 -3.56 36.79 14.54
CA LEU A 39 -4.39 35.60 14.50
C LEU A 39 -5.80 35.72 13.92
N HIS A 40 -5.99 34.99 12.81
CA HIS A 40 -7.23 34.85 12.09
C HIS A 40 -7.77 33.48 12.52
N SER A 41 -8.50 33.46 13.67
CA SER A 41 -9.08 32.24 14.25
C SER A 41 -10.50 31.99 13.81
N TYR A 42 -10.75 30.76 13.38
CA TYR A 42 -12.05 30.27 12.91
C TYR A 42 -12.33 29.01 13.70
N ASP A 43 -13.52 28.92 14.29
CA ASP A 43 -13.90 27.79 15.10
C ASP A 43 -14.57 26.74 14.22
N LEU A 44 -13.83 25.67 13.88
CA LEU A 44 -14.40 24.64 13.02
C LEU A 44 -14.97 23.45 13.81
N GLY A 45 -15.35 23.70 15.06
CA GLY A 45 -15.99 22.70 15.90
C GLY A 45 -17.32 22.38 15.25
N ILE A 46 -17.80 21.13 15.40
CA ILE A 46 -19.05 20.67 14.78
C ILE A 46 -20.24 21.59 15.08
N GLU A 47 -20.43 21.92 16.36
CA GLU A 47 -21.49 22.78 16.87
C GLU A 47 -21.48 24.16 16.19
N ASN A 48 -20.27 24.76 16.02
CA ASN A 48 -20.13 26.06 15.38
C ASN A 48 -20.43 26.02 13.89
N ARG A 49 -19.99 24.96 13.22
CA ARG A 49 -20.24 24.77 11.80
C ARG A 49 -21.76 24.62 11.59
N ASP A 50 -22.45 23.89 12.49
CA ASP A 50 -23.89 23.70 12.44
C ASP A 50 -24.61 25.06 12.62
N ALA A 51 -24.30 25.77 13.73
CA ALA A 51 -24.88 27.08 14.06
C ALA A 51 -24.71 28.12 12.93
N THR A 52 -23.58 28.11 12.22
CA THR A 52 -23.32 29.07 11.14
C THR A 52 -23.67 28.51 9.76
N ASN A 53 -24.30 27.32 9.69
CA ASN A 53 -24.67 26.63 8.45
C ASN A 53 -23.46 26.43 7.54
N ASP A 54 -22.33 26.03 8.16
CA ASP A 54 -21.03 25.80 7.50
C ASP A 54 -20.40 27.06 6.87
N GLN A 55 -20.81 28.26 7.29
CA GLN A 55 -20.23 29.48 6.74
C GLN A 55 -18.80 29.69 7.22
N VAL A 56 -18.56 29.32 8.51
CA VAL A 56 -17.26 29.41 9.15
C VAL A 56 -16.19 28.69 8.35
N THR A 57 -16.52 27.48 7.78
CA THR A 57 -15.59 26.71 6.97
C THR A 57 -15.23 27.43 5.68
N LYS A 58 -16.24 27.96 4.96
CA LYS A 58 -16.01 28.69 3.71
C LYS A 58 -15.14 29.95 3.95
N ASP A 59 -15.39 30.69 5.07
CA ASP A 59 -14.61 31.87 5.46
C ASP A 59 -13.19 31.50 5.82
N ALA A 60 -13.01 30.40 6.56
CA ALA A 60 -11.67 29.92 6.97
C ALA A 60 -10.80 29.68 5.75
N ALA A 61 -11.35 29.01 4.70
CA ALA A 61 -10.63 28.74 3.44
C ALA A 61 -10.35 30.03 2.68
N GLU A 62 -11.33 30.97 2.67
CA GLU A 62 -11.24 32.30 2.05
C GLU A 62 -10.04 33.05 2.69
N ALA A 63 -9.92 33.01 4.03
CA ALA A 63 -8.82 33.63 4.76
C ALA A 63 -7.45 33.01 4.47
N ILE A 64 -7.37 31.68 4.21
CA ILE A 64 -6.09 31.00 3.89
C ILE A 64 -5.65 31.51 2.51
N LYS A 65 -6.61 31.73 1.58
CA LYS A 65 -6.32 32.23 0.23
C LYS A 65 -5.71 33.63 0.32
N LYS A 66 -6.25 34.46 1.21
CA LYS A 66 -5.79 35.82 1.44
C LYS A 66 -4.47 35.85 2.22
N HIS A 67 -4.37 35.08 3.32
CA HIS A 67 -3.19 35.09 4.21
C HIS A 67 -2.04 34.09 4.01
N ASN A 68 -2.21 33.10 3.09
CA ASN A 68 -1.22 32.07 2.72
C ASN A 68 -0.83 30.98 3.73
N VAL A 69 -1.07 31.21 5.01
CA VAL A 69 -0.69 30.23 6.01
C VAL A 69 -1.91 29.78 6.81
N GLY A 70 -2.19 28.48 6.75
CA GLY A 70 -3.29 27.87 7.48
C GLY A 70 -2.78 26.77 8.40
N VAL A 71 -3.21 26.78 9.68
CA VAL A 71 -2.89 25.73 10.66
C VAL A 71 -4.23 25.16 11.14
N LYS A 72 -4.49 23.87 10.84
CA LYS A 72 -5.78 23.26 11.16
C LYS A 72 -5.82 22.12 12.14
N CYS A 73 -6.82 22.16 13.05
CA CYS A 73 -7.06 21.11 14.03
C CYS A 73 -7.98 20.04 13.36
N ALA A 74 -7.87 18.79 13.77
CA ALA A 74 -8.71 17.73 13.22
C ALA A 74 -10.17 18.01 13.58
N THR A 75 -11.07 17.78 12.62
CA THR A 75 -12.51 18.03 12.73
C THR A 75 -13.37 16.79 12.42
N ILE A 76 -14.61 16.76 12.97
CA ILE A 76 -15.55 15.65 12.75
C ILE A 76 -16.18 15.77 11.35
N THR A 77 -16.10 14.73 10.53
CA THR A 77 -16.76 14.68 9.24
C THR A 77 -18.05 13.95 9.64
N PRO A 78 -19.22 14.62 9.66
CA PRO A 78 -20.43 13.93 10.13
C PRO A 78 -21.01 12.81 9.25
N ASP A 79 -21.62 11.84 9.94
CA ASP A 79 -22.31 10.67 9.40
C ASP A 79 -23.65 10.65 10.15
N GLU A 80 -24.48 9.60 9.93
CA GLU A 80 -25.80 9.46 10.56
C GLU A 80 -25.72 9.45 12.08
N LYS A 81 -24.68 8.79 12.64
CA LYS A 81 -24.47 8.71 14.09
C LYS A 81 -24.15 10.09 14.67
N ARG A 82 -23.29 10.90 13.96
CA ARG A 82 -22.92 12.27 14.39
C ARG A 82 -24.12 13.21 14.30
N VAL A 83 -24.93 13.07 13.22
CA VAL A 83 -26.15 13.86 13.02
C VAL A 83 -27.09 13.67 14.24
N GLU A 84 -27.24 12.42 14.74
CA GLU A 84 -28.07 12.13 15.92
C GLU A 84 -27.43 12.63 17.22
N GLU A 85 -26.09 12.39 17.38
CA GLU A 85 -25.30 12.79 18.54
C GLU A 85 -25.36 14.31 18.85
N PHE A 86 -25.35 15.15 17.80
CA PHE A 86 -25.37 16.61 17.95
C PHE A 86 -26.67 17.24 17.50
N LYS A 87 -27.60 16.45 16.92
CA LYS A 87 -28.89 16.93 16.41
C LYS A 87 -28.63 17.98 15.31
N LEU A 88 -27.76 17.61 14.35
CA LEU A 88 -27.35 18.46 13.22
C LEU A 88 -28.47 18.70 12.23
N LYS A 89 -28.46 19.89 11.60
CA LYS A 89 -29.44 20.30 10.60
C LYS A 89 -29.16 19.57 9.29
N GLN A 90 -27.89 19.20 9.06
CA GLN A 90 -27.47 18.52 7.84
C GLN A 90 -26.28 17.61 8.12
N MET A 91 -25.99 16.71 7.16
CA MET A 91 -24.82 15.86 7.23
C MET A 91 -23.81 16.73 6.45
N TRP A 92 -23.24 17.73 7.16
CA TRP A 92 -22.28 18.70 6.63
C TRP A 92 -21.08 18.02 5.96
N LYS A 93 -20.62 18.58 4.83
CA LYS A 93 -19.47 18.04 4.12
C LYS A 93 -18.18 18.35 4.89
N SER A 94 -17.25 17.39 4.91
CA SER A 94 -15.92 17.45 5.52
C SER A 94 -15.27 18.82 5.33
N PRO A 95 -14.89 19.53 6.41
CA PRO A 95 -14.27 20.85 6.24
C PRO A 95 -13.05 20.80 5.31
N ASN A 96 -12.25 19.72 5.40
CA ASN A 96 -11.05 19.47 4.59
C ASN A 96 -11.38 19.44 3.11
N GLY A 97 -12.56 18.91 2.77
CA GLY A 97 -13.09 18.82 1.41
C GLY A 97 -13.45 20.19 0.88
N THR A 98 -14.18 20.98 1.71
CA THR A 98 -14.58 22.36 1.41
C THR A 98 -13.31 23.22 1.20
N ILE A 99 -12.32 23.12 2.13
CA ILE A 99 -11.07 23.88 2.10
C ILE A 99 -10.26 23.55 0.84
N ARG A 100 -9.98 22.23 0.60
CA ARG A 100 -9.22 21.74 -0.55
C ARG A 100 -9.82 22.18 -1.87
N ASN A 101 -11.16 22.07 -2.00
CA ASN A 101 -11.88 22.50 -3.20
C ASN A 101 -11.69 23.99 -3.48
N ILE A 102 -11.68 24.84 -2.43
CA ILE A 102 -11.50 26.29 -2.58
C ILE A 102 -10.07 26.66 -2.96
N LEU A 103 -9.08 26.05 -2.31
CA LEU A 103 -7.68 26.41 -2.56
C LEU A 103 -6.98 25.67 -3.66
N GLY A 104 -7.39 24.43 -3.91
CA GLY A 104 -6.73 23.54 -4.85
C GLY A 104 -5.51 23.02 -4.11
N GLY A 105 -4.50 22.55 -4.84
CA GLY A 105 -3.30 22.05 -4.21
C GLY A 105 -3.27 20.56 -3.98
N THR A 106 -2.08 20.06 -3.56
CA THR A 106 -1.73 18.66 -3.32
C THR A 106 -1.41 18.40 -1.85
N VAL A 107 -2.03 17.33 -1.30
CA VAL A 107 -1.79 16.91 0.07
C VAL A 107 -0.51 16.02 0.12
N PHE A 108 0.45 16.38 0.98
CA PHE A 108 1.71 15.66 1.19
C PHE A 108 1.73 15.13 2.62
N ARG A 109 1.98 13.83 2.77
CA ARG A 109 2.02 13.17 4.07
C ARG A 109 3.45 12.85 4.44
N GLU A 110 3.91 13.40 5.55
CA GLU A 110 5.28 13.21 6.01
C GLU A 110 5.25 12.63 7.43
N ALA A 111 6.17 11.71 7.71
CA ALA A 111 6.28 11.08 9.02
C ALA A 111 7.39 11.73 9.85
N ILE A 112 7.14 11.87 11.16
CA ILE A 112 8.11 12.43 12.12
C ILE A 112 8.89 11.21 12.63
N ILE A 113 10.19 11.23 12.39
CA ILE A 113 11.07 10.14 12.73
C ILE A 113 11.87 10.35 13.97
N CYS A 114 11.79 9.36 14.86
CA CYS A 114 12.53 9.26 16.11
C CYS A 114 13.34 7.98 16.02
N LYS A 115 14.66 8.09 16.29
CA LYS A 115 15.64 7.01 16.28
C LYS A 115 15.26 5.74 17.09
N ASN A 116 14.56 5.89 18.23
CA ASN A 116 14.10 4.80 19.11
C ASN A 116 12.72 4.22 18.72
N ILE A 117 12.04 4.85 17.73
CA ILE A 117 10.71 4.43 17.27
C ILE A 117 10.83 3.63 15.95
N PRO A 118 10.34 2.37 15.92
CA PRO A 118 10.45 1.56 14.69
C PRO A 118 9.63 2.03 13.49
N ARG A 119 10.23 1.95 12.28
CA ARG A 119 9.62 2.30 10.98
C ARG A 119 9.40 0.99 10.22
N LEU A 120 8.82 1.06 8.99
CA LEU A 120 8.59 -0.08 8.11
C LEU A 120 9.98 -0.66 7.75
N VAL A 121 10.83 0.14 7.09
CA VAL A 121 12.20 -0.21 6.71
C VAL A 121 13.06 0.54 7.73
N SER A 122 13.86 -0.18 8.53
CA SER A 122 14.73 0.43 9.54
C SER A 122 15.74 1.43 8.94
N GLY A 123 16.09 1.21 7.66
CA GLY A 123 17.02 2.05 6.90
C GLY A 123 16.50 3.46 6.66
N TRP A 124 15.15 3.65 6.75
CA TRP A 124 14.46 4.92 6.55
C TRP A 124 14.77 5.92 7.68
N VAL A 125 15.92 6.59 7.54
CA VAL A 125 16.42 7.60 8.50
C VAL A 125 15.85 8.98 8.22
N LYS A 126 15.71 9.31 6.92
CA LYS A 126 15.14 10.58 6.46
C LYS A 126 13.68 10.30 6.04
N PRO A 127 12.71 11.20 6.36
CA PRO A 127 11.31 10.93 5.98
C PRO A 127 11.03 10.82 4.48
N ILE A 128 9.97 10.08 4.16
CA ILE A 128 9.51 9.94 2.79
C ILE A 128 8.22 10.74 2.76
N ILE A 129 8.15 11.73 1.85
CA ILE A 129 7.02 12.63 1.69
C ILE A 129 6.24 12.17 0.46
N ILE A 130 5.02 11.65 0.71
CA ILE A 130 4.15 11.15 -0.34
C ILE A 130 2.99 12.10 -0.67
N GLY A 131 2.94 12.51 -1.92
CA GLY A 131 1.89 13.38 -2.42
C GLY A 131 0.96 12.65 -3.36
N HIS A 132 -0.33 12.73 -3.09
CA HIS A 132 -1.33 12.07 -3.93
C HIS A 132 -2.09 13.06 -4.77
N HIS A 133 -2.50 12.60 -5.96
CA HIS A 133 -3.27 13.42 -6.89
C HIS A 133 -4.73 13.55 -6.44
N ARG A 140 -14.51 11.64 -8.14
CA ARG A 140 -14.18 11.96 -9.53
C ARG A 140 -14.44 10.78 -10.52
N ALA A 141 -15.15 9.70 -10.06
CA ALA A 141 -15.46 8.51 -10.89
C ALA A 141 -16.95 8.20 -10.92
N THR A 142 -17.46 7.93 -12.13
CA THR A 142 -18.86 7.62 -12.40
C THR A 142 -19.01 6.12 -12.60
N ASP A 143 -19.54 5.43 -11.59
CA ASP A 143 -19.74 3.99 -11.65
C ASP A 143 -21.21 3.59 -11.63
N PHE A 144 -21.52 2.48 -12.33
CA PHE A 144 -22.87 1.93 -12.42
C PHE A 144 -22.80 0.45 -12.69
N VAL A 145 -23.91 -0.24 -12.42
CA VAL A 145 -23.97 -1.67 -12.69
C VAL A 145 -24.57 -1.88 -14.07
N VAL A 146 -24.10 -2.91 -14.74
CA VAL A 146 -24.55 -3.31 -16.07
C VAL A 146 -25.45 -4.51 -15.75
N PRO A 147 -26.81 -4.33 -15.82
CA PRO A 147 -27.72 -5.43 -15.47
C PRO A 147 -27.64 -6.68 -16.35
N GLY A 148 -27.53 -6.50 -17.66
CA GLY A 148 -27.45 -7.62 -18.58
C GLY A 148 -26.73 -7.28 -19.85
N PRO A 149 -26.83 -8.13 -20.90
CA PRO A 149 -26.14 -7.81 -22.17
C PRO A 149 -26.48 -6.43 -22.72
N GLY A 150 -25.50 -5.84 -23.39
CA GLY A 150 -25.59 -4.53 -23.99
C GLY A 150 -24.24 -3.88 -24.11
N LYS A 151 -24.22 -2.72 -24.78
CA LYS A 151 -23.02 -1.94 -25.04
C LYS A 151 -22.78 -0.81 -24.04
N VAL A 152 -21.52 -0.69 -23.61
CA VAL A 152 -21.05 0.39 -22.75
C VAL A 152 -20.06 1.15 -23.62
N GLU A 153 -20.35 2.42 -23.83
CA GLU A 153 -19.50 3.29 -24.63
C GLU A 153 -19.11 4.54 -23.87
N ILE A 154 -18.00 5.12 -24.26
CA ILE A 154 -17.54 6.37 -23.68
C ILE A 154 -17.34 7.30 -24.85
N THR A 155 -17.97 8.48 -24.77
CA THR A 155 -17.93 9.45 -25.87
C THR A 155 -17.34 10.78 -25.51
N TYR A 156 -16.76 11.44 -26.50
CA TYR A 156 -16.23 12.77 -26.35
C TYR A 156 -16.90 13.62 -27.39
N THR A 157 -17.68 14.60 -26.93
CA THR A 157 -18.39 15.53 -27.80
C THR A 157 -17.65 16.86 -27.73
N PRO A 158 -16.87 17.23 -28.76
CA PRO A 158 -16.17 18.54 -28.71
C PRO A 158 -17.15 19.72 -28.61
N SER A 159 -16.80 20.74 -27.83
CA SER A 159 -17.63 21.93 -27.63
C SER A 159 -17.66 22.83 -28.85
N ASP A 160 -16.72 22.65 -29.78
CA ASP A 160 -16.61 23.46 -30.99
C ASP A 160 -17.44 22.95 -32.16
N GLY A 161 -18.27 21.94 -31.90
CA GLY A 161 -19.16 21.33 -32.87
C GLY A 161 -18.55 20.27 -33.76
N THR A 162 -17.19 20.09 -33.70
CA THR A 162 -16.51 19.06 -34.50
C THR A 162 -16.98 17.64 -34.11
N GLN A 163 -16.75 16.68 -35.01
CA GLN A 163 -17.15 15.27 -34.90
C GLN A 163 -16.93 14.63 -33.52
N LYS A 164 -18.02 14.04 -33.00
CA LYS A 164 -18.13 13.29 -31.76
C LYS A 164 -17.27 12.01 -31.90
N VAL A 165 -16.52 11.66 -30.86
CA VAL A 165 -15.66 10.46 -30.83
C VAL A 165 -16.31 9.43 -29.89
N THR A 166 -16.43 8.17 -30.36
CA THR A 166 -17.03 7.07 -29.57
C THR A 166 -16.04 5.92 -29.39
N TYR A 167 -15.80 5.52 -28.14
CA TYR A 167 -14.93 4.40 -27.78
C TYR A 167 -15.77 3.32 -27.16
N LEU A 168 -15.55 2.08 -27.57
CA LEU A 168 -16.29 0.98 -26.96
C LEU A 168 -15.57 0.60 -25.65
N VAL A 169 -16.29 0.60 -24.51
CA VAL A 169 -15.66 0.20 -23.26
C VAL A 169 -15.71 -1.34 -23.24
N HIS A 170 -16.91 -1.89 -23.44
CA HIS A 170 -17.18 -3.33 -23.52
C HIS A 170 -18.57 -3.59 -24.06
N ASN A 171 -18.68 -4.63 -24.87
CA ASN A 171 -19.94 -5.14 -25.38
C ASN A 171 -20.19 -6.42 -24.56
N PHE A 172 -21.08 -6.35 -23.56
CA PHE A 172 -21.41 -7.50 -22.71
C PHE A 172 -22.37 -8.39 -23.54
N GLU A 173 -21.93 -9.61 -23.88
CA GLU A 173 -22.71 -10.58 -24.69
C GLU A 173 -23.39 -11.61 -23.78
N GLU A 174 -22.60 -12.29 -22.91
CA GLU A 174 -23.07 -13.30 -21.93
C GLU A 174 -23.90 -12.57 -20.89
N GLY A 175 -23.69 -11.26 -20.86
CA GLY A 175 -24.41 -10.29 -20.06
C GLY A 175 -24.31 -10.32 -18.57
N GLY A 176 -24.13 -9.12 -18.03
CA GLY A 176 -24.03 -8.86 -16.61
C GLY A 176 -22.65 -8.37 -16.25
N GLY A 177 -22.60 -7.34 -15.41
CA GLY A 177 -21.34 -6.78 -14.95
C GLY A 177 -21.45 -5.44 -14.27
N VAL A 178 -20.37 -4.68 -14.37
CA VAL A 178 -20.26 -3.36 -13.75
C VAL A 178 -19.36 -2.47 -14.65
N ALA A 179 -19.56 -1.13 -14.67
CA ALA A 179 -18.73 -0.23 -15.49
C ALA A 179 -18.50 1.12 -14.85
N MET A 180 -17.42 1.80 -15.25
CA MET A 180 -17.06 3.11 -14.74
C MET A 180 -16.28 3.98 -15.72
N GLY A 181 -16.34 5.29 -15.47
CA GLY A 181 -15.68 6.34 -16.23
C GLY A 181 -14.94 7.29 -15.29
N MET A 182 -13.67 7.54 -15.61
CA MET A 182 -12.78 8.42 -14.87
C MET A 182 -12.23 9.45 -15.82
N TYR A 183 -11.78 10.57 -15.28
CA TYR A 183 -11.22 11.66 -16.06
C TYR A 183 -10.21 12.42 -15.23
N ASN A 184 -9.42 13.30 -15.90
CA ASN A 184 -8.46 14.20 -15.31
C ASN A 184 -8.20 15.36 -16.23
N GLN A 185 -8.40 16.58 -15.73
CA GLN A 185 -8.17 17.80 -16.51
C GLN A 185 -6.67 18.12 -16.47
N ASP A 186 -6.14 18.72 -17.57
CA ASP A 186 -4.71 19.11 -17.70
C ASP A 186 -4.28 20.09 -16.62
N LYS A 187 -5.16 21.04 -16.24
CA LYS A 187 -4.91 22.02 -15.19
C LYS A 187 -4.60 21.32 -13.88
N SER A 188 -5.36 20.23 -13.55
CA SER A 188 -5.12 19.44 -12.32
C SER A 188 -3.74 18.79 -12.35
N ILE A 189 -3.34 18.21 -13.50
CA ILE A 189 -2.04 17.57 -13.64
C ILE A 189 -0.94 18.62 -13.54
N GLU A 190 -1.17 19.81 -14.12
CA GLU A 190 -0.23 20.93 -14.10
C GLU A 190 0.02 21.39 -12.65
N ASP A 191 -1.07 21.57 -11.88
CA ASP A 191 -1.08 21.94 -10.47
C ASP A 191 -0.37 20.88 -9.62
N PHE A 192 -0.60 19.59 -9.94
CA PHE A 192 0.02 18.47 -9.26
C PHE A 192 1.54 18.51 -9.47
N ALA A 193 1.98 18.77 -10.73
CA ALA A 193 3.40 18.88 -11.06
C ALA A 193 4.03 20.05 -10.28
N HIS A 194 3.43 21.26 -10.35
CA HIS A 194 3.84 22.49 -9.68
C HIS A 194 3.98 22.34 -8.17
N SER A 195 2.93 21.85 -7.49
CA SER A 195 2.98 21.65 -6.05
C SER A 195 4.12 20.70 -5.68
N SER A 196 4.31 19.62 -6.48
CA SER A 196 5.37 18.61 -6.27
C SER A 196 6.77 19.22 -6.43
N PHE A 197 7.00 20.02 -7.52
CA PHE A 197 8.32 20.66 -7.76
C PHE A 197 8.59 21.65 -6.62
N GLN A 198 7.55 22.41 -6.23
CA GLN A 198 7.58 23.39 -5.15
C GLN A 198 7.94 22.74 -3.81
N MET A 199 7.35 21.56 -3.52
CA MET A 199 7.60 20.78 -2.31
C MET A 199 9.02 20.24 -2.27
N ALA A 200 9.55 19.79 -3.43
CA ALA A 200 10.90 19.24 -3.52
C ALA A 200 11.96 20.31 -3.35
N LEU A 201 11.69 21.54 -3.87
CA LEU A 201 12.61 22.67 -3.78
C LEU A 201 12.72 23.11 -2.31
N SER A 202 11.55 23.33 -1.67
CA SER A 202 11.36 23.71 -0.27
C SER A 202 12.15 22.82 0.70
N LYS A 203 12.13 21.48 0.51
CA LYS A 203 12.82 20.48 1.34
C LYS A 203 14.24 20.15 0.85
N GLY A 204 14.58 20.59 -0.36
CA GLY A 204 15.88 20.33 -0.98
C GLY A 204 16.13 18.85 -1.18
N TRP A 205 15.07 18.13 -1.57
CA TRP A 205 15.11 16.68 -1.79
C TRP A 205 14.75 16.32 -3.23
N PRO A 206 15.23 15.17 -3.77
CA PRO A 206 14.83 14.80 -5.15
C PRO A 206 13.34 14.38 -5.23
N LEU A 207 12.74 14.55 -6.42
CA LEU A 207 11.34 14.23 -6.68
C LEU A 207 11.14 13.06 -7.64
N TYR A 208 10.22 12.15 -7.29
CA TYR A 208 9.90 11.00 -8.12
C TYR A 208 8.41 10.96 -8.45
N LEU A 209 8.07 10.66 -9.70
CA LEU A 209 6.68 10.51 -10.12
C LEU A 209 6.48 9.04 -10.44
N SER A 210 5.49 8.39 -9.80
CA SER A 210 5.20 6.99 -10.09
C SER A 210 3.92 6.94 -10.90
N THR A 211 3.93 6.17 -11.99
CA THR A 211 2.79 6.03 -12.88
C THR A 211 2.73 4.58 -13.43
N LYS A 212 1.64 4.25 -14.13
CA LYS A 212 1.43 2.95 -14.80
C LYS A 212 1.20 3.27 -16.31
N ASN A 213 2.14 4.01 -16.94
CA ASN A 213 2.08 4.44 -18.36
C ASN A 213 2.31 3.34 -19.41
N THR A 214 2.61 2.11 -18.96
CA THR A 214 2.85 0.92 -19.78
C THR A 214 1.50 0.30 -20.12
N ILE A 215 0.54 0.40 -19.18
CA ILE A 215 -0.82 -0.13 -19.28
C ILE A 215 -1.77 0.99 -19.73
N LEU A 216 -1.70 2.16 -19.08
CA LEU A 216 -2.49 3.36 -19.30
C LEU A 216 -1.63 4.36 -20.09
N LYS A 217 -1.27 3.95 -21.31
CA LYS A 217 -0.43 4.69 -22.23
C LYS A 217 -0.86 6.15 -22.45
N LYS A 218 -2.17 6.38 -22.67
CA LYS A 218 -2.69 7.73 -22.91
C LYS A 218 -2.96 8.49 -21.61
N TYR A 219 -3.60 7.82 -20.62
CA TYR A 219 -3.96 8.37 -19.31
C TYR A 219 -2.76 8.74 -18.44
N ASP A 220 -1.91 7.76 -18.09
CA ASP A 220 -0.73 8.00 -17.27
C ASP A 220 0.42 8.65 -18.02
N GLY A 221 0.35 8.59 -19.36
CA GLY A 221 1.33 9.19 -20.24
C GLY A 221 1.23 10.70 -20.21
N ARG A 222 -0.02 11.21 -20.04
CA ARG A 222 -0.30 12.65 -19.95
C ARG A 222 0.34 13.20 -18.65
N PHE A 223 0.37 12.39 -17.58
CA PHE A 223 1.00 12.74 -16.31
C PHE A 223 2.51 12.83 -16.49
N LYS A 224 3.14 11.76 -17.07
CA LYS A 224 4.58 11.67 -17.34
C LYS A 224 5.05 12.84 -18.23
N ASP A 225 4.28 13.16 -19.30
CA ASP A 225 4.59 14.25 -20.23
C ASP A 225 4.47 15.61 -19.59
N ILE A 226 3.36 15.88 -18.87
CA ILE A 226 3.14 17.17 -18.19
C ILE A 226 4.23 17.46 -17.13
N PHE A 227 4.63 16.44 -16.34
CA PHE A 227 5.66 16.62 -15.33
C PHE A 227 7.01 16.95 -15.96
N GLN A 228 7.42 16.22 -17.02
CA GLN A 228 8.68 16.46 -17.75
C GLN A 228 8.70 17.85 -18.43
N GLU A 229 7.58 18.23 -19.12
CA GLU A 229 7.44 19.53 -19.81
C GLU A 229 7.62 20.67 -18.82
N ILE A 230 6.97 20.58 -17.63
CA ILE A 230 7.08 21.58 -16.56
C ILE A 230 8.50 21.55 -15.97
N TYR A 231 9.05 20.35 -15.73
CA TYR A 231 10.41 20.22 -15.19
C TYR A 231 11.44 20.91 -16.07
N ASP A 232 11.54 20.48 -17.35
CA ASP A 232 12.46 21.00 -18.36
C ASP A 232 12.33 22.51 -18.55
N LYS A 233 11.10 23.03 -18.59
CA LYS A 233 10.86 24.47 -18.75
C LYS A 233 11.18 25.34 -17.53
N GLN A 234 10.45 25.19 -16.39
CA GLN A 234 10.66 26.08 -15.25
C GLN A 234 11.35 25.57 -13.98
N TYR A 235 11.82 24.30 -13.95
CA TYR A 235 12.44 23.78 -12.73
C TYR A 235 13.80 23.10 -12.83
N LYS A 236 14.21 22.63 -14.03
CA LYS A 236 15.50 21.95 -14.22
C LYS A 236 16.68 22.70 -13.59
N SER A 237 16.78 24.03 -13.87
CA SER A 237 17.84 24.90 -13.32
C SER A 237 17.88 24.90 -11.78
N GLN A 238 16.79 25.36 -11.11
CA GLN A 238 16.64 25.43 -9.64
C GLN A 238 16.98 24.11 -8.91
N PHE A 239 16.58 22.96 -9.47
CA PHE A 239 16.82 21.60 -8.96
C PHE A 239 18.31 21.27 -9.03
N GLU A 240 18.95 21.52 -10.20
CA GLU A 240 20.38 21.28 -10.42
C GLU A 240 21.21 22.18 -9.49
N ALA A 241 20.76 23.44 -9.29
CA ALA A 241 21.37 24.44 -8.41
C ALA A 241 21.40 23.96 -6.95
N GLN A 242 20.50 23.01 -6.59
CA GLN A 242 20.41 22.44 -5.23
C GLN A 242 20.94 20.99 -5.17
N LYS A 243 21.59 20.51 -6.27
CA LYS A 243 22.18 19.17 -6.44
C LYS A 243 21.09 18.07 -6.29
N ILE A 244 19.88 18.43 -6.76
CA ILE A 244 18.64 17.66 -6.73
C ILE A 244 18.16 17.42 -8.18
N TRP A 245 17.26 16.45 -8.39
CA TRP A 245 16.72 16.09 -9.71
C TRP A 245 15.24 15.64 -9.61
N TYR A 246 14.61 15.40 -10.77
CA TYR A 246 13.26 14.87 -10.88
C TYR A 246 13.33 13.67 -11.83
N GLU A 247 12.69 12.54 -11.48
CA GLU A 247 12.70 11.34 -12.32
C GLU A 247 11.37 10.57 -12.32
N HIS A 248 10.92 10.10 -13.52
CA HIS A 248 9.71 9.28 -13.65
C HIS A 248 10.12 7.81 -13.45
N ARG A 249 9.36 7.07 -12.63
CA ARG A 249 9.61 5.65 -12.36
C ARG A 249 8.28 4.91 -12.39
N LEU A 250 8.22 3.75 -13.08
CA LEU A 250 7.01 2.95 -13.15
C LEU A 250 6.78 2.41 -11.72
N ILE A 251 5.52 2.42 -11.25
CA ILE A 251 5.13 2.01 -9.91
C ILE A 251 5.96 0.90 -9.23
N ASP A 252 6.07 -0.30 -9.85
CA ASP A 252 6.81 -1.45 -9.32
C ASP A 252 8.31 -1.17 -9.12
N ASP A 253 8.94 -0.46 -10.08
CA ASP A 253 10.35 -0.06 -10.01
C ASP A 253 10.56 1.03 -8.93
N MET A 254 9.48 1.82 -8.67
CA MET A 254 9.48 2.90 -7.68
C MET A 254 9.41 2.36 -6.24
N VAL A 255 8.51 1.37 -5.97
CA VAL A 255 8.40 0.77 -4.65
C VAL A 255 9.66 -0.03 -4.29
N ALA A 256 10.24 -0.74 -5.29
CA ALA A 256 11.47 -1.51 -5.14
C ALA A 256 12.62 -0.58 -4.76
N GLN A 257 12.68 0.63 -5.37
CA GLN A 257 13.70 1.65 -5.11
C GLN A 257 13.57 2.19 -3.68
N ALA A 258 12.33 2.66 -3.32
CA ALA A 258 11.96 3.22 -2.02
C ALA A 258 12.26 2.29 -0.86
N MET A 259 11.99 0.98 -1.03
CA MET A 259 12.24 -0.05 -0.03
C MET A 259 13.74 -0.34 0.17
N LYS A 260 14.55 -0.12 -0.89
CA LYS A 260 16.00 -0.33 -0.86
C LYS A 260 16.76 0.98 -0.54
N SER A 261 16.01 2.07 -0.27
CA SER A 261 16.56 3.40 0.01
C SER A 261 16.59 3.76 1.50
N GLU A 262 17.23 4.91 1.82
CA GLU A 262 17.37 5.46 3.17
C GLU A 262 16.37 6.61 3.43
N GLY A 263 15.42 6.80 2.51
CA GLY A 263 14.43 7.86 2.60
C GLY A 263 14.99 9.18 2.12
N GLY A 264 14.32 10.27 2.47
CA GLY A 264 14.75 11.62 2.11
C GLY A 264 14.44 12.04 0.69
N PHE A 265 13.21 11.75 0.25
CA PHE A 265 12.74 12.10 -1.09
C PHE A 265 11.24 12.40 -1.11
N ILE A 266 10.80 13.09 -2.19
CA ILE A 266 9.39 13.40 -2.43
C ILE A 266 8.92 12.40 -3.46
N TRP A 267 7.70 11.90 -3.29
CA TRP A 267 7.10 10.93 -4.19
C TRP A 267 5.69 11.40 -4.59
N ALA A 268 5.52 11.75 -5.87
CA ALA A 268 4.26 12.17 -6.47
C ALA A 268 3.59 10.88 -7.00
N CYS A 269 2.56 10.44 -6.30
CA CYS A 269 1.85 9.20 -6.60
C CYS A 269 0.55 9.34 -7.38
N LYS A 270 0.53 8.83 -8.61
CA LYS A 270 -0.66 8.81 -9.49
C LYS A 270 -1.12 7.34 -9.48
N ASN A 271 -2.12 7.04 -8.62
CA ASN A 271 -2.64 5.68 -8.49
C ASN A 271 -4.03 5.55 -9.13
N SER A 287 2.44 4.58 14.03
CA SER A 287 1.49 5.46 14.72
C SER A 287 1.05 6.67 13.87
N LEU A 288 -0.26 7.00 13.94
CA LEU A 288 -0.89 8.13 13.25
C LEU A 288 -0.56 9.46 13.93
N GLY A 289 -0.17 9.38 15.21
CA GLY A 289 0.21 10.52 16.03
C GLY A 289 1.49 11.16 15.56
N MET A 290 2.20 10.49 14.60
CA MET A 290 3.48 10.92 13.99
C MET A 290 3.38 11.19 12.51
N MET A 291 2.20 11.59 12.03
CA MET A 291 2.05 11.94 10.63
C MET A 291 1.38 13.28 10.42
N THR A 292 1.99 14.10 9.58
CA THR A 292 1.45 15.41 9.26
C THR A 292 0.94 15.40 7.83
N SER A 293 -0.09 16.20 7.55
CA SER A 293 -0.70 16.37 6.24
C SER A 293 -0.56 17.85 5.87
N VAL A 294 0.10 18.14 4.76
CA VAL A 294 0.31 19.51 4.30
C VAL A 294 -0.27 19.69 2.89
N LEU A 295 -1.19 20.67 2.74
CA LEU A 295 -1.80 21.01 1.47
C LEU A 295 -0.93 22.13 0.90
N VAL A 296 -0.29 21.87 -0.25
CA VAL A 296 0.61 22.79 -0.96
C VAL A 296 -0.09 23.25 -2.23
N CYS A 297 -0.38 24.55 -2.33
CA CYS A 297 -1.02 25.11 -3.52
C CYS A 297 0.00 25.29 -4.64
N PRO A 298 -0.41 25.22 -5.94
CA PRO A 298 0.57 25.35 -7.03
C PRO A 298 1.40 26.63 -7.08
N ASP A 299 0.85 27.77 -6.56
CA ASP A 299 1.50 29.10 -6.51
C ASP A 299 2.83 29.11 -5.75
N GLY A 300 3.00 28.18 -4.82
CA GLY A 300 4.18 28.08 -3.97
C GLY A 300 4.12 29.02 -2.78
N LYS A 301 3.03 29.81 -2.68
CA LYS A 301 2.80 30.78 -1.60
C LYS A 301 1.82 30.30 -0.52
N THR A 302 0.72 29.64 -0.92
CA THR A 302 -0.31 29.15 0.01
C THR A 302 -0.06 27.72 0.46
N VAL A 303 -0.11 27.49 1.79
CA VAL A 303 0.13 26.22 2.47
C VAL A 303 -0.82 26.10 3.65
N GLU A 304 -1.42 24.90 3.82
CA GLU A 304 -2.30 24.55 4.94
C GLU A 304 -1.78 23.26 5.61
N ALA A 305 -1.53 23.32 6.92
CA ALA A 305 -1.02 22.14 7.63
C ALA A 305 -1.94 21.59 8.68
N GLU A 306 -1.94 20.27 8.81
CA GLU A 306 -2.72 19.54 9.81
C GLU A 306 -2.13 18.17 10.09
N ALA A 307 -2.60 17.53 11.16
CA ALA A 307 -2.21 16.19 11.56
C ALA A 307 -2.90 15.23 10.60
N ALA A 308 -2.21 14.15 10.23
CA ALA A 308 -2.79 13.15 9.33
C ALA A 308 -3.49 12.09 10.20
N HIS A 309 -4.49 12.51 10.99
CA HIS A 309 -5.26 11.67 11.89
C HIS A 309 -6.53 12.42 12.32
N GLY A 310 -7.48 11.70 12.90
CA GLY A 310 -8.74 12.29 13.33
C GLY A 310 -8.75 12.94 14.70
N THR A 311 -9.96 13.13 15.22
CA THR A 311 -10.27 13.77 16.50
C THR A 311 -10.01 12.94 17.77
N VAL A 312 -9.69 11.64 17.59
CA VAL A 312 -9.37 10.67 18.66
C VAL A 312 -10.54 10.53 19.67
N THR A 313 -11.74 10.24 19.12
CA THR A 313 -13.00 10.04 19.87
C THR A 313 -12.82 9.15 21.11
N ARG A 314 -12.16 7.99 20.93
CA ARG A 314 -11.92 7.01 21.99
C ARG A 314 -11.30 7.64 23.23
N HIS A 315 -10.21 8.42 23.08
CA HIS A 315 -9.54 9.11 24.19
C HIS A 315 -10.42 10.21 24.75
N TYR A 316 -11.18 10.91 23.87
CA TYR A 316 -12.07 12.00 24.29
C TYR A 316 -13.15 11.52 25.28
N ARG A 317 -13.78 10.35 25.02
CA ARG A 317 -14.80 9.76 25.91
C ARG A 317 -14.23 9.51 27.31
N MET A 318 -12.96 9.06 27.39
CA MET A 318 -12.25 8.83 28.66
C MET A 318 -12.07 10.17 29.36
N TYR A 319 -11.62 11.22 28.61
CA TYR A 319 -11.44 12.58 29.15
C TYR A 319 -12.78 13.12 29.67
N GLN A 320 -13.89 12.79 28.98
CA GLN A 320 -15.24 13.20 29.34
C GLN A 320 -15.65 12.56 30.66
N LYS A 321 -15.22 11.30 30.90
CA LYS A 321 -15.48 10.53 32.14
C LYS A 321 -14.40 10.81 33.20
N GLY A 322 -13.59 11.87 33.00
CA GLY A 322 -12.51 12.26 33.91
C GLY A 322 -11.34 11.29 34.03
N GLN A 323 -11.27 10.27 33.14
CA GLN A 323 -10.24 9.23 33.07
C GLN A 323 -8.92 9.74 32.45
N GLU A 324 -7.79 9.15 32.87
CA GLU A 324 -6.44 9.48 32.40
C GLU A 324 -6.27 9.12 30.93
N THR A 325 -5.75 10.06 30.13
CA THR A 325 -5.53 9.86 28.68
C THR A 325 -4.06 10.04 28.32
N SER A 326 -3.62 9.42 27.22
CA SER A 326 -2.25 9.56 26.76
C SER A 326 -2.31 9.73 25.25
N THR A 327 -2.59 10.97 24.80
CA THR A 327 -2.73 11.30 23.39
C THR A 327 -1.45 11.93 22.85
N ASN A 328 -1.02 11.46 21.65
CA ASN A 328 0.20 11.96 21.01
C ASN A 328 -0.05 13.36 20.34
N PRO A 329 0.60 14.43 20.84
CA PRO A 329 0.40 15.75 20.23
C PRO A 329 1.36 16.10 19.07
N ILE A 330 2.32 15.20 18.74
CA ILE A 330 3.34 15.45 17.71
C ILE A 330 2.81 15.94 16.39
N ALA A 331 1.91 15.17 15.76
CA ALA A 331 1.31 15.52 14.47
C ALA A 331 0.73 16.94 14.51
N SER A 332 -0.01 17.27 15.59
CA SER A 332 -0.64 18.57 15.81
C SER A 332 0.40 19.68 16.01
N ILE A 333 1.50 19.40 16.72
CA ILE A 333 2.59 20.36 16.95
C ILE A 333 3.27 20.69 15.61
N PHE A 334 3.47 19.67 14.77
CA PHE A 334 4.08 19.79 13.45
C PHE A 334 3.19 20.52 12.45
N ALA A 335 1.86 20.56 12.70
CA ALA A 335 0.91 21.33 11.87
C ALA A 335 1.33 22.82 12.10
N TRP A 336 1.50 23.23 13.38
CA TRP A 336 1.92 24.55 13.80
C TRP A 336 3.31 24.89 13.26
N THR A 337 4.29 23.97 13.41
CA THR A 337 5.67 24.15 12.96
C THR A 337 5.85 24.28 11.47
N ARG A 338 5.12 23.48 10.67
CA ARG A 338 5.20 23.61 9.22
C ARG A 338 4.59 24.95 8.77
N GLY A 339 3.46 25.34 9.40
CA GLY A 339 2.78 26.60 9.13
C GLY A 339 3.68 27.75 9.48
N LEU A 340 4.24 27.75 10.72
CA LEU A 340 5.17 28.79 11.18
C LEU A 340 6.46 28.86 10.36
N ALA A 341 6.99 27.73 9.85
CA ALA A 341 8.19 27.70 8.98
C ALA A 341 7.87 28.33 7.60
N HIS A 342 6.63 28.12 7.11
CA HIS A 342 6.22 28.67 5.83
C HIS A 342 6.01 30.15 5.96
N ARG A 343 5.42 30.59 7.08
CA ARG A 343 5.19 32.01 7.37
C ARG A 343 6.56 32.74 7.41
N ALA A 344 7.52 32.18 8.14
CA ALA A 344 8.90 32.68 8.28
C ALA A 344 9.61 32.78 6.92
N LYS A 345 9.44 31.76 6.04
CA LYS A 345 10.02 31.74 4.70
C LYS A 345 9.46 32.90 3.86
N LEU A 346 8.12 33.09 3.86
CA LEU A 346 7.45 34.16 3.11
C LEU A 346 7.87 35.56 3.55
N ASP A 347 8.06 35.76 4.86
CA ASP A 347 8.40 37.05 5.46
C ASP A 347 9.88 37.25 5.79
N ASN A 348 10.77 36.32 5.39
CA ASN A 348 12.21 36.36 5.71
C ASN A 348 12.39 36.67 7.21
N ASN A 349 11.73 35.87 8.07
CA ASN A 349 11.71 36.00 9.54
C ASN A 349 12.56 34.90 10.19
N LYS A 350 13.87 35.18 10.31
CA LYS A 350 14.89 34.30 10.89
C LYS A 350 14.56 33.79 12.30
N GLU A 351 14.02 34.67 13.16
CA GLU A 351 13.65 34.34 14.54
C GLU A 351 12.52 33.28 14.60
N LEU A 352 11.48 33.44 13.73
CA LEU A 352 10.34 32.54 13.63
C LEU A 352 10.78 31.25 12.98
N ALA A 353 11.68 31.33 11.98
CA ALA A 353 12.23 30.15 11.28
C ALA A 353 13.04 29.33 12.30
N PHE A 354 13.78 30.01 13.17
CA PHE A 354 14.55 29.30 14.18
C PHE A 354 13.60 28.64 15.22
N PHE A 355 12.54 29.38 15.65
CA PHE A 355 11.57 28.89 16.62
C PHE A 355 10.88 27.63 16.11
N ALA A 356 10.37 27.66 14.84
CA ALA A 356 9.69 26.51 14.22
C ALA A 356 10.59 25.27 14.22
N ASN A 357 11.88 25.42 13.89
CA ASN A 357 12.84 24.31 13.90
C ASN A 357 13.09 23.81 15.30
N ALA A 358 13.26 24.74 16.27
CA ALA A 358 13.51 24.40 17.67
C ALA A 358 12.35 23.58 18.27
N LEU A 359 11.09 23.96 17.95
CA LEU A 359 9.93 23.23 18.46
C LEU A 359 9.92 21.80 17.90
N GLU A 360 10.29 21.64 16.64
CA GLU A 360 10.38 20.34 16.00
C GLU A 360 11.44 19.45 16.65
N GLU A 361 12.65 20.02 16.86
CA GLU A 361 13.76 19.30 17.46
C GLU A 361 13.47 18.93 18.89
N VAL A 362 12.87 19.82 19.67
CA VAL A 362 12.52 19.51 21.06
C VAL A 362 11.48 18.36 21.19
N SER A 363 10.58 18.24 20.21
CA SER A 363 9.56 17.20 20.13
C SER A 363 10.20 15.84 19.85
N ILE A 364 11.10 15.76 18.84
CA ILE A 364 11.84 14.56 18.46
C ILE A 364 12.74 14.18 19.64
N GLU A 365 13.59 15.12 20.10
CA GLU A 365 14.53 14.91 21.22
C GLU A 365 13.88 14.47 22.51
N THR A 366 12.64 14.93 22.81
CA THR A 366 11.93 14.50 24.03
C THR A 366 11.59 13.01 23.97
N ILE A 367 11.07 12.57 22.82
CA ILE A 367 10.70 11.16 22.60
C ILE A 367 11.97 10.31 22.66
N GLU A 368 13.03 10.77 21.95
CA GLU A 368 14.34 10.12 21.88
C GLU A 368 15.03 9.96 23.22
N ALA A 369 14.68 10.77 24.22
CA ALA A 369 15.23 10.73 25.58
C ALA A 369 14.46 9.75 26.50
N GLY A 370 13.37 9.20 25.99
CA GLY A 370 12.52 8.24 26.69
C GLY A 370 11.20 8.79 27.20
N PHE A 371 10.90 10.07 26.95
CA PHE A 371 9.66 10.70 27.40
C PHE A 371 8.69 10.70 26.23
N MET A 372 7.64 9.85 26.28
CA MET A 372 6.67 9.66 25.21
C MET A 372 5.28 9.22 25.72
N THR A 373 4.27 9.28 24.84
CA THR A 373 2.89 8.87 25.14
C THR A 373 2.73 7.37 24.92
N LYS A 374 1.59 6.78 25.38
CA LYS A 374 1.30 5.35 25.31
C LYS A 374 1.50 4.65 23.96
N ASP A 375 0.99 5.23 22.87
CA ASP A 375 1.06 4.70 21.50
C ASP A 375 2.51 4.47 21.04
N LEU A 376 3.42 5.37 21.46
CA LEU A 376 4.84 5.33 21.12
C LEU A 376 5.54 4.28 21.94
N ALA A 377 5.20 4.20 23.25
CA ALA A 377 5.73 3.19 24.16
C ALA A 377 5.32 1.80 23.60
N ALA A 378 4.05 1.69 23.11
CA ALA A 378 3.52 0.46 22.51
C ALA A 378 4.25 0.06 21.24
N CYS A 379 4.82 1.03 20.48
CA CYS A 379 5.58 0.75 19.25
C CYS A 379 6.86 0.04 19.60
N ILE A 380 7.46 0.45 20.73
CA ILE A 380 8.72 -0.09 21.23
C ILE A 380 8.53 -1.44 21.91
N LYS A 381 7.67 -1.51 22.94
CA LYS A 381 7.43 -2.68 23.78
C LYS A 381 6.31 -3.63 23.39
N GLY A 382 5.35 -3.16 22.61
CA GLY A 382 4.21 -3.97 22.23
C GLY A 382 3.07 -3.71 23.19
N LEU A 383 1.84 -3.53 22.66
CA LEU A 383 0.66 -3.23 23.49
C LEU A 383 0.41 -4.10 24.76
N PRO A 384 0.58 -5.45 24.74
CA PRO A 384 0.34 -6.22 25.98
C PRO A 384 1.41 -6.06 27.06
N ASN A 385 2.59 -5.57 26.70
CA ASN A 385 3.76 -5.40 27.57
C ASN A 385 3.95 -3.97 28.13
N VAL A 386 3.10 -3.04 27.68
CA VAL A 386 3.13 -1.65 28.11
C VAL A 386 2.65 -1.48 29.55
N GLN A 387 3.52 -0.90 30.39
CA GLN A 387 3.24 -0.57 31.79
C GLN A 387 3.08 0.94 31.89
N ARG A 388 2.36 1.42 32.94
CA ARG A 388 2.13 2.84 33.18
C ARG A 388 3.43 3.65 33.26
N SER A 389 4.48 3.04 33.82
CA SER A 389 5.81 3.67 33.97
C SER A 389 6.57 3.83 32.66
N ASP A 390 6.06 3.29 31.54
CA ASP A 390 6.74 3.38 30.23
C ASP A 390 6.35 4.63 29.44
N TYR A 391 5.33 5.36 29.89
CA TYR A 391 4.84 6.54 29.18
C TYR A 391 4.33 7.62 30.10
N LEU A 392 3.95 8.77 29.51
CA LEU A 392 3.39 9.92 30.21
C LEU A 392 1.95 10.13 29.76
N ASN A 393 1.11 10.72 30.63
CA ASN A 393 -0.26 11.06 30.22
C ASN A 393 -0.14 12.32 29.34
N THR A 394 -1.23 12.71 28.68
CA THR A 394 -1.32 13.87 27.81
C THR A 394 -0.70 15.13 28.42
N PHE A 395 -1.11 15.48 29.63
CA PHE A 395 -0.63 16.66 30.31
C PHE A 395 0.82 16.61 30.75
N GLU A 396 1.28 15.44 31.26
CA GLU A 396 2.65 15.26 31.70
C GLU A 396 3.60 15.40 30.51
N PHE A 397 3.21 14.85 29.35
CA PHE A 397 4.01 14.94 28.12
C PHE A 397 4.15 16.38 27.62
N MET A 398 3.03 17.14 27.58
CA MET A 398 2.99 18.54 27.16
C MET A 398 3.86 19.39 28.10
N ASP A 399 3.80 19.10 29.42
CA ASP A 399 4.61 19.77 30.43
C ASP A 399 6.10 19.53 30.17
N LYS A 400 6.49 18.27 29.81
CA LYS A 400 7.86 17.87 29.50
C LYS A 400 8.38 18.64 28.28
N LEU A 401 7.57 18.69 27.18
CA LEU A 401 7.91 19.44 25.95
C LEU A 401 8.09 20.91 26.26
N GLY A 402 7.17 21.47 27.08
CA GLY A 402 7.20 22.86 27.52
C GLY A 402 8.47 23.21 28.27
N GLU A 403 8.87 22.34 29.21
CA GLU A 403 10.07 22.46 30.02
C GLU A 403 11.33 22.41 29.13
N ASN A 404 11.36 21.47 28.18
CA ASN A 404 12.49 21.33 27.27
C ASN A 404 12.56 22.43 26.24
N LEU A 405 11.40 23.05 25.91
CA LEU A 405 11.35 24.15 24.95
C LEU A 405 11.99 25.39 25.57
N LYS A 406 11.64 25.68 26.83
CA LYS A 406 12.17 26.81 27.61
C LYS A 406 13.70 26.71 27.71
N ILE A 407 14.23 25.50 27.97
CA ILE A 407 15.69 25.25 28.10
C ILE A 407 16.41 25.51 26.80
N LYS A 408 15.90 24.92 25.70
CA LYS A 408 16.42 25.02 24.34
C LYS A 408 16.57 26.49 23.92
N LEU A 409 15.46 27.26 23.92
CA LEU A 409 15.45 28.67 23.53
C LEU A 409 16.37 29.56 24.39
N ALA A 410 16.62 29.19 25.66
CA ALA A 410 17.53 29.93 26.55
C ALA A 410 18.97 29.70 26.09
N GLN A 411 19.29 28.42 25.79
CA GLN A 411 20.61 27.99 25.31
C GLN A 411 20.92 28.58 23.94
N ALA A 412 19.92 28.69 23.04
CA ALA A 412 20.07 29.26 21.68
C ALA A 412 20.53 30.73 21.63
N LYS A 413 20.26 31.52 22.70
CA LYS A 413 20.61 32.94 22.82
C LYS A 413 22.12 33.26 22.58
N LEU A 414 22.97 32.22 22.57
CA LEU A 414 24.42 32.31 22.36
C LEU A 414 24.82 32.15 20.88
N LYS B 3 11.55 -48.21 -0.75
CA LYS B 3 10.95 -47.64 -1.96
C LYS B 3 10.44 -46.22 -1.73
N LYS B 4 10.55 -45.39 -2.77
CA LYS B 4 10.12 -43.98 -2.75
C LYS B 4 8.60 -43.83 -2.94
N ILE B 5 8.08 -42.66 -2.57
CA ILE B 5 6.67 -42.32 -2.73
C ILE B 5 6.47 -42.07 -4.24
N SER B 6 5.33 -42.53 -4.79
CA SER B 6 4.99 -42.29 -6.18
C SER B 6 4.15 -40.99 -6.18
N GLY B 7 4.79 -39.89 -6.54
CA GLY B 7 4.18 -38.57 -6.55
C GLY B 7 3.30 -38.20 -7.73
N GLY B 8 3.33 -39.00 -8.79
CA GLY B 8 2.53 -38.69 -9.96
C GLY B 8 3.06 -37.55 -10.79
N SER B 9 2.17 -36.96 -11.58
CA SER B 9 2.35 -35.90 -12.56
C SER B 9 2.46 -34.45 -12.03
N VAL B 10 3.69 -33.88 -12.11
CA VAL B 10 4.01 -32.52 -11.65
C VAL B 10 4.72 -31.71 -12.75
N VAL B 11 4.27 -30.46 -12.98
CA VAL B 11 4.93 -29.58 -13.95
C VAL B 11 5.92 -28.71 -13.15
N GLU B 12 7.21 -28.83 -13.47
CA GLU B 12 8.31 -28.11 -12.85
C GLU B 12 8.94 -27.12 -13.84
N MET B 13 9.19 -25.87 -13.40
CA MET B 13 9.81 -24.83 -14.23
C MET B 13 11.09 -24.34 -13.61
N GLN B 14 12.25 -24.48 -14.32
CA GLN B 14 13.55 -24.03 -13.80
C GLN B 14 13.68 -22.56 -14.11
N GLY B 15 14.37 -21.83 -13.24
CA GLY B 15 14.51 -20.40 -13.38
C GLY B 15 15.91 -19.89 -13.56
N ASP B 16 16.16 -18.73 -12.97
CA ASP B 16 17.41 -18.04 -13.13
C ASP B 16 18.15 -17.73 -11.85
N GLU B 17 19.44 -17.40 -12.05
CA GLU B 17 20.40 -16.92 -11.05
C GLU B 17 20.45 -17.71 -9.76
N MET B 18 20.42 -17.06 -8.58
CA MET B 18 20.50 -17.72 -7.28
C MET B 18 19.40 -18.76 -7.05
N THR B 19 18.16 -18.45 -7.48
CA THR B 19 17.01 -19.34 -7.35
C THR B 19 17.18 -20.62 -8.14
N ARG B 20 17.89 -20.57 -9.29
CA ARG B 20 18.19 -21.75 -10.09
C ARG B 20 19.11 -22.70 -9.27
N ILE B 21 20.09 -22.15 -8.52
CA ILE B 21 21.01 -22.96 -7.69
C ILE B 21 20.25 -23.63 -6.52
N ILE B 22 19.53 -22.85 -5.69
CA ILE B 22 18.77 -23.38 -4.57
C ILE B 22 17.69 -24.40 -4.96
N TRP B 23 17.00 -24.18 -6.10
CA TRP B 23 15.97 -25.06 -6.66
C TRP B 23 16.56 -26.46 -6.94
N GLU B 24 17.77 -26.53 -7.53
CA GLU B 24 18.43 -27.80 -7.80
C GLU B 24 18.80 -28.50 -6.49
N LEU B 25 19.22 -27.70 -5.48
CA LEU B 25 19.56 -28.19 -4.15
C LEU B 25 18.31 -28.75 -3.47
N ILE B 26 17.14 -28.13 -3.70
CA ILE B 26 15.86 -28.58 -3.16
C ILE B 26 15.51 -29.94 -3.77
N LYS B 27 15.57 -30.05 -5.10
CA LYS B 27 15.28 -31.30 -5.79
C LYS B 27 16.28 -32.42 -5.43
N GLU B 28 17.56 -32.09 -5.37
CA GLU B 28 18.62 -33.05 -5.05
C GLU B 28 18.57 -33.54 -3.59
N LYS B 29 18.44 -32.60 -2.65
CA LYS B 29 18.49 -32.91 -1.21
C LYS B 29 17.18 -33.18 -0.52
N LEU B 30 16.09 -32.57 -0.99
CA LEU B 30 14.81 -32.71 -0.33
C LEU B 30 13.71 -33.45 -1.07
N ILE B 31 13.69 -33.42 -2.40
CA ILE B 31 12.60 -34.08 -3.13
C ILE B 31 12.93 -35.45 -3.67
N PHE B 32 13.89 -35.49 -4.61
CA PHE B 32 14.35 -36.70 -5.29
C PHE B 32 14.77 -37.85 -4.40
N PRO B 33 15.43 -37.66 -3.23
CA PRO B 33 15.74 -38.83 -2.39
C PRO B 33 14.52 -39.56 -1.82
N TYR B 34 13.29 -39.00 -1.94
CA TYR B 34 12.05 -39.54 -1.38
C TYR B 34 10.88 -39.66 -2.33
N VAL B 35 10.83 -38.80 -3.37
CA VAL B 35 9.71 -38.78 -4.31
C VAL B 35 10.15 -39.01 -5.77
N GLU B 36 9.42 -39.90 -6.43
CA GLU B 36 9.57 -40.22 -7.83
C GLU B 36 8.37 -39.54 -8.46
N LEU B 37 8.63 -38.72 -9.47
CA LEU B 37 7.58 -37.97 -10.18
C LEU B 37 7.62 -38.23 -11.65
N ASP B 38 6.46 -38.10 -12.29
CA ASP B 38 6.34 -38.17 -13.75
C ASP B 38 6.51 -36.67 -13.99
N LEU B 39 7.79 -36.25 -14.06
CA LEU B 39 8.19 -34.86 -14.15
C LEU B 39 8.19 -34.27 -15.53
N HIS B 40 7.41 -33.17 -15.67
CA HIS B 40 7.26 -32.40 -16.90
C HIS B 40 8.10 -31.16 -16.65
N SER B 41 9.37 -31.20 -17.09
CA SER B 41 10.30 -30.09 -16.86
C SER B 41 10.43 -29.17 -18.02
N TYR B 42 10.45 -27.90 -17.68
CA TYR B 42 10.57 -26.80 -18.59
C TYR B 42 11.61 -25.91 -18.03
N ASP B 43 12.50 -25.52 -18.92
CA ASP B 43 13.61 -24.68 -18.57
C ASP B 43 13.26 -23.22 -18.94
N LEU B 44 12.79 -22.46 -17.93
CA LEU B 44 12.41 -21.07 -18.12
C LEU B 44 13.58 -20.10 -17.84
N GLY B 45 14.81 -20.61 -17.89
CA GLY B 45 16.01 -19.79 -17.73
C GLY B 45 16.09 -18.83 -18.89
N ILE B 46 16.53 -17.58 -18.65
CA ILE B 46 16.61 -16.53 -19.67
C ILE B 46 17.20 -16.93 -21.03
N GLU B 47 18.34 -17.63 -21.02
CA GLU B 47 19.03 -18.09 -22.23
C GLU B 47 18.14 -19.04 -23.01
N ASN B 48 17.41 -19.92 -22.31
CA ASN B 48 16.50 -20.85 -22.98
C ASN B 48 15.23 -20.18 -23.54
N ARG B 49 14.64 -19.21 -22.82
CA ARG B 49 13.46 -18.47 -23.33
C ARG B 49 13.85 -17.72 -24.63
N ASP B 50 15.06 -17.08 -24.64
CA ASP B 50 15.56 -16.38 -25.83
C ASP B 50 15.73 -17.33 -27.03
N ALA B 51 16.45 -18.47 -26.85
CA ALA B 51 16.71 -19.47 -27.90
C ALA B 51 15.44 -20.07 -28.51
N THR B 52 14.40 -20.27 -27.67
CA THR B 52 13.12 -20.86 -28.07
C THR B 52 12.08 -19.80 -28.50
N ASN B 53 12.48 -18.50 -28.53
CA ASN B 53 11.61 -17.35 -28.86
C ASN B 53 10.39 -17.35 -27.95
N ASP B 54 10.65 -17.61 -26.65
CA ASP B 54 9.67 -17.68 -25.57
C ASP B 54 8.66 -18.85 -25.66
N GLN B 55 8.91 -19.83 -26.57
CA GLN B 55 8.02 -20.98 -26.76
C GLN B 55 7.93 -21.90 -25.54
N VAL B 56 9.04 -22.04 -24.79
CA VAL B 56 9.14 -22.86 -23.58
C VAL B 56 8.12 -22.40 -22.48
N THR B 57 7.92 -21.06 -22.36
CA THR B 57 7.00 -20.42 -21.41
C THR B 57 5.54 -20.83 -21.71
N LYS B 58 5.17 -20.78 -23.01
CA LYS B 58 3.84 -21.15 -23.49
C LYS B 58 3.58 -22.62 -23.31
N ASP B 59 4.58 -23.49 -23.60
CA ASP B 59 4.47 -24.94 -23.42
C ASP B 59 4.29 -25.28 -21.95
N ALA B 60 5.05 -24.60 -21.07
CA ALA B 60 4.95 -24.81 -19.62
C ALA B 60 3.52 -24.49 -19.16
N ALA B 61 2.98 -23.29 -19.53
CA ALA B 61 1.62 -22.86 -19.22
C ALA B 61 0.59 -23.91 -19.68
N GLU B 62 0.75 -24.45 -20.90
CA GLU B 62 -0.15 -25.49 -21.44
C GLU B 62 -0.01 -26.79 -20.69
N ALA B 63 1.18 -27.09 -20.17
CA ALA B 63 1.40 -28.33 -19.40
C ALA B 63 0.70 -28.24 -18.02
N ILE B 64 0.68 -27.03 -17.39
CA ILE B 64 0.01 -26.79 -16.10
C ILE B 64 -1.52 -26.94 -16.32
N LYS B 65 -2.02 -26.51 -17.48
CA LYS B 65 -3.45 -26.60 -17.87
C LYS B 65 -3.86 -28.06 -17.92
N LYS B 66 -3.01 -28.88 -18.52
CA LYS B 66 -3.20 -30.30 -18.70
C LYS B 66 -2.97 -31.09 -17.39
N HIS B 67 -1.83 -30.87 -16.69
CA HIS B 67 -1.46 -31.62 -15.49
C HIS B 67 -1.94 -31.16 -14.14
N ASN B 68 -2.54 -29.94 -14.08
CA ASN B 68 -3.15 -29.32 -12.89
C ASN B 68 -2.22 -28.85 -11.77
N VAL B 69 -0.94 -29.24 -11.80
CA VAL B 69 0.03 -28.90 -10.74
C VAL B 69 1.30 -28.35 -11.36
N GLY B 70 1.62 -27.09 -11.03
CA GLY B 70 2.82 -26.40 -11.50
C GLY B 70 3.67 -25.83 -10.38
N VAL B 71 4.99 -26.07 -10.40
CA VAL B 71 5.93 -25.54 -9.38
C VAL B 71 6.95 -24.67 -10.12
N LYS B 72 6.96 -23.37 -9.83
CA LYS B 72 7.86 -22.47 -10.56
C LYS B 72 8.97 -21.80 -9.75
N CYS B 73 10.16 -21.82 -10.33
CA CYS B 73 11.35 -21.19 -9.80
C CYS B 73 11.32 -19.71 -10.31
N ALA B 74 11.90 -18.76 -9.57
CA ALA B 74 11.92 -17.35 -10.01
C ALA B 74 12.68 -17.18 -11.31
N THR B 75 12.24 -16.24 -12.15
CA THR B 75 12.80 -15.96 -13.48
C THR B 75 13.12 -14.49 -13.69
N ILE B 76 14.09 -14.20 -14.54
CA ILE B 76 14.45 -12.82 -14.86
C ILE B 76 13.36 -12.27 -15.78
N THR B 77 12.79 -11.12 -15.42
CA THR B 77 11.84 -10.41 -16.28
C THR B 77 12.75 -9.39 -17.00
N PRO B 78 12.92 -9.50 -18.32
CA PRO B 78 13.84 -8.58 -19.04
C PRO B 78 13.47 -7.09 -19.04
N ASP B 79 14.51 -6.25 -19.08
CA ASP B 79 14.48 -4.78 -19.18
C ASP B 79 15.64 -4.42 -20.10
N GLU B 80 15.88 -3.12 -20.38
CA GLU B 80 16.98 -2.70 -21.26
C GLU B 80 18.32 -3.28 -20.86
N LYS B 81 18.64 -3.27 -19.55
CA LYS B 81 19.90 -3.79 -19.00
C LYS B 81 20.05 -5.30 -19.22
N ARG B 82 18.95 -6.07 -19.05
CA ARG B 82 18.95 -7.55 -19.25
C ARG B 82 19.14 -7.91 -20.71
N VAL B 83 18.58 -7.08 -21.61
CA VAL B 83 18.66 -7.21 -23.06
C VAL B 83 20.13 -7.07 -23.47
N GLU B 84 20.85 -6.09 -22.88
CA GLU B 84 22.28 -5.86 -23.16
C GLU B 84 23.15 -6.97 -22.55
N GLU B 85 22.78 -7.40 -21.32
CA GLU B 85 23.48 -8.43 -20.54
C GLU B 85 23.52 -9.79 -21.21
N PHE B 86 22.37 -10.27 -21.73
CA PHE B 86 22.26 -11.61 -22.34
C PHE B 86 22.16 -11.58 -23.84
N LYS B 87 22.30 -10.38 -24.44
CA LYS B 87 22.21 -10.11 -25.88
C LYS B 87 20.89 -10.71 -26.42
N LEU B 88 19.80 -10.34 -25.74
CA LEU B 88 18.42 -10.77 -26.01
C LEU B 88 17.91 -10.27 -27.35
N LYS B 89 17.15 -11.13 -28.06
CA LYS B 89 16.56 -10.85 -29.37
C LYS B 89 15.45 -9.82 -29.22
N GLN B 90 14.75 -9.88 -28.06
CA GLN B 90 13.62 -9.05 -27.69
C GLN B 90 13.59 -8.89 -26.18
N MET B 91 12.75 -7.96 -25.69
CA MET B 91 12.54 -7.75 -24.26
C MET B 91 11.33 -8.62 -23.97
N TRP B 92 11.57 -9.90 -23.70
CA TRP B 92 10.52 -10.89 -23.46
C TRP B 92 9.59 -10.53 -22.31
N LYS B 93 8.28 -10.77 -22.47
CA LYS B 93 7.27 -10.50 -21.42
C LYS B 93 7.59 -11.40 -20.22
N SER B 94 7.11 -11.03 -19.02
CA SER B 94 7.41 -11.84 -17.85
C SER B 94 6.79 -13.23 -18.00
N PRO B 95 7.54 -14.32 -17.71
CA PRO B 95 6.93 -15.67 -17.78
C PRO B 95 5.66 -15.77 -16.93
N ASN B 96 5.63 -15.09 -15.75
CA ASN B 96 4.50 -15.05 -14.79
C ASN B 96 3.23 -14.51 -15.43
N GLY B 97 3.37 -13.42 -16.19
CA GLY B 97 2.25 -12.80 -16.91
C GLY B 97 1.69 -13.72 -17.97
N THR B 98 2.57 -14.34 -18.78
CA THR B 98 2.22 -15.27 -19.85
C THR B 98 1.43 -16.46 -19.28
N ILE B 99 1.94 -17.06 -18.18
CA ILE B 99 1.33 -18.19 -17.48
C ILE B 99 -0.04 -17.77 -16.91
N ARG B 100 -0.11 -16.61 -16.25
CA ARG B 100 -1.35 -16.08 -15.67
C ARG B 100 -2.39 -15.88 -16.74
N ASN B 101 -2.02 -15.25 -17.86
CA ASN B 101 -2.88 -14.97 -19.00
C ASN B 101 -3.47 -16.26 -19.62
N ILE B 102 -2.69 -17.34 -19.65
CA ILE B 102 -3.12 -18.63 -20.20
C ILE B 102 -4.01 -19.42 -19.21
N LEU B 103 -3.68 -19.37 -17.93
CA LEU B 103 -4.41 -20.10 -16.89
C LEU B 103 -5.59 -19.35 -16.27
N GLY B 104 -5.38 -18.07 -15.97
CA GLY B 104 -6.33 -17.23 -15.24
C GLY B 104 -6.26 -17.63 -13.77
N GLY B 105 -7.22 -17.20 -12.98
CA GLY B 105 -7.24 -17.54 -11.57
C GLY B 105 -6.86 -16.41 -10.64
N THR B 106 -6.83 -16.69 -9.33
CA THR B 106 -6.54 -15.74 -8.27
C THR B 106 -5.23 -16.10 -7.59
N VAL B 107 -4.41 -15.09 -7.41
CA VAL B 107 -3.12 -15.20 -6.76
C VAL B 107 -3.30 -14.96 -5.26
N PHE B 108 -2.90 -15.93 -4.43
CA PHE B 108 -2.95 -15.82 -2.99
C PHE B 108 -1.54 -15.82 -2.45
N ARG B 109 -1.21 -14.84 -1.61
CA ARG B 109 0.10 -14.69 -0.97
C ARG B 109 0.01 -15.05 0.52
N GLU B 110 0.70 -16.12 0.92
CA GLU B 110 0.74 -16.66 2.29
C GLU B 110 2.15 -16.65 2.83
N ALA B 111 2.34 -16.10 4.05
CA ALA B 111 3.61 -16.01 4.73
C ALA B 111 3.92 -17.31 5.51
N ILE B 112 5.20 -17.59 5.74
CA ILE B 112 5.65 -18.76 6.48
C ILE B 112 5.99 -18.23 7.85
N ILE B 113 5.23 -18.71 8.85
CA ILE B 113 5.34 -18.25 10.23
C ILE B 113 6.26 -19.07 11.08
N CYS B 114 7.19 -18.38 11.71
CA CYS B 114 8.15 -18.96 12.62
C CYS B 114 8.06 -18.19 13.94
N LYS B 115 7.92 -18.93 15.06
CA LYS B 115 7.81 -18.38 16.44
C LYS B 115 8.94 -17.41 16.80
N ASN B 116 10.20 -17.72 16.40
CA ASN B 116 11.36 -16.87 16.69
C ASN B 116 11.58 -15.77 15.65
N ILE B 117 10.75 -15.70 14.61
CA ILE B 117 10.88 -14.68 13.55
C ILE B 117 9.79 -13.62 13.71
N PRO B 118 10.19 -12.34 13.94
CA PRO B 118 9.19 -11.27 14.13
C PRO B 118 8.28 -10.98 12.94
N ARG B 119 7.05 -10.53 13.25
CA ARG B 119 5.99 -10.16 12.31
C ARG B 119 5.69 -8.66 12.48
N LEU B 120 4.92 -8.08 11.53
CA LEU B 120 4.49 -6.67 11.54
C LEU B 120 3.60 -6.42 12.77
N VAL B 121 2.83 -7.46 13.17
CA VAL B 121 1.91 -7.50 14.30
C VAL B 121 2.24 -8.81 15.01
N SER B 122 2.77 -8.69 16.25
CA SER B 122 3.17 -9.81 17.13
C SER B 122 2.06 -10.82 17.36
N GLY B 123 0.81 -10.36 17.32
CA GLY B 123 -0.38 -11.18 17.50
C GLY B 123 -0.56 -12.28 16.47
N TRP B 124 -0.09 -12.04 15.22
CA TRP B 124 -0.17 -12.98 14.10
C TRP B 124 0.63 -14.27 14.40
N VAL B 125 -0.10 -15.33 14.76
CA VAL B 125 0.40 -16.66 15.13
C VAL B 125 0.10 -17.63 13.98
N LYS B 126 -1.01 -17.40 13.28
CA LYS B 126 -1.41 -18.20 12.13
C LYS B 126 -1.30 -17.27 10.90
N PRO B 127 -0.93 -17.78 9.70
CA PRO B 127 -0.79 -16.88 8.54
C PRO B 127 -2.08 -16.26 8.03
N ILE B 128 -1.94 -15.09 7.39
CA ILE B 128 -3.03 -14.36 6.74
C ILE B 128 -2.78 -14.55 5.25
N ILE B 129 -3.75 -15.14 4.55
CA ILE B 129 -3.70 -15.40 3.11
C ILE B 129 -4.46 -14.29 2.39
N ILE B 130 -3.75 -13.48 1.60
CA ILE B 130 -4.32 -12.35 0.84
C ILE B 130 -4.43 -12.61 -0.68
N GLY B 131 -5.66 -12.55 -1.19
CA GLY B 131 -5.97 -12.74 -2.60
C GLY B 131 -6.47 -11.49 -3.29
N HIS B 132 -5.77 -11.05 -4.35
CA HIS B 132 -6.17 -9.86 -5.12
C HIS B 132 -6.95 -10.26 -6.36
N HIS B 133 -7.97 -9.43 -6.70
CA HIS B 133 -8.87 -9.67 -7.83
C HIS B 133 -8.25 -10.10 -9.17
N ALA B 134 -8.78 -11.24 -9.71
CA ALA B 134 -8.48 -11.89 -10.98
C ALA B 134 -9.35 -13.13 -11.16
N ARG B 140 -8.92 -4.44 -21.19
CA ARG B 140 -9.12 -4.13 -19.78
C ARG B 140 -9.76 -2.72 -19.54
N ALA B 141 -9.09 -1.64 -20.04
CA ALA B 141 -9.54 -0.25 -19.90
C ALA B 141 -9.36 0.57 -21.17
N THR B 142 -10.31 1.46 -21.43
CA THR B 142 -10.29 2.31 -22.61
C THR B 142 -9.93 3.74 -22.23
N ASP B 143 -8.62 4.06 -22.30
CA ASP B 143 -8.10 5.38 -21.97
C ASP B 143 -7.79 6.15 -23.23
N PHE B 144 -7.95 7.48 -23.18
CA PHE B 144 -7.75 8.37 -24.33
C PHE B 144 -7.54 9.80 -23.88
N VAL B 145 -6.98 10.62 -24.77
CA VAL B 145 -6.78 12.03 -24.49
C VAL B 145 -8.01 12.83 -24.93
N VAL B 146 -8.42 13.80 -24.10
CA VAL B 146 -9.56 14.69 -24.35
C VAL B 146 -8.80 15.89 -24.86
N PRO B 147 -8.80 16.14 -26.20
CA PRO B 147 -7.98 17.23 -26.75
C PRO B 147 -8.31 18.63 -26.30
N GLY B 148 -9.57 18.91 -26.02
CA GLY B 148 -10.01 20.24 -25.57
C GLY B 148 -11.38 20.20 -24.92
N PRO B 149 -12.03 21.39 -24.72
CA PRO B 149 -13.35 21.42 -24.08
C PRO B 149 -14.41 20.58 -24.77
N GLY B 150 -15.40 20.15 -23.99
CA GLY B 150 -16.49 19.34 -24.49
C GLY B 150 -16.87 18.30 -23.46
N LYS B 151 -18.02 17.65 -23.64
CA LYS B 151 -18.42 16.65 -22.65
C LYS B 151 -18.05 15.19 -22.92
N VAL B 152 -17.55 14.52 -21.86
CA VAL B 152 -17.22 13.10 -21.87
C VAL B 152 -18.31 12.42 -21.05
N GLU B 153 -19.01 11.53 -21.71
CA GLU B 153 -20.12 10.80 -21.13
C GLU B 153 -19.89 9.31 -21.35
N ILE B 154 -20.47 8.48 -20.50
CA ILE B 154 -20.40 7.03 -20.55
C ILE B 154 -21.84 6.56 -20.65
N THR B 155 -22.11 5.72 -21.62
CA THR B 155 -23.47 5.29 -21.93
C THR B 155 -23.68 3.79 -21.96
N TYR B 156 -24.78 3.35 -21.37
CA TYR B 156 -25.20 1.96 -21.38
C TYR B 156 -26.48 1.84 -22.19
N THR B 157 -26.47 0.91 -23.16
CA THR B 157 -27.60 0.62 -24.01
C THR B 157 -27.84 -0.90 -24.01
N PRO B 158 -28.90 -1.39 -23.32
CA PRO B 158 -29.17 -2.84 -23.29
C PRO B 158 -29.43 -3.41 -24.67
N SER B 159 -29.09 -4.70 -24.90
CA SER B 159 -29.29 -5.40 -26.18
C SER B 159 -30.77 -5.35 -26.65
N ASP B 160 -31.73 -5.48 -25.70
CA ASP B 160 -33.19 -5.40 -25.93
C ASP B 160 -33.64 -4.00 -26.46
N GLY B 161 -32.77 -2.99 -26.31
CA GLY B 161 -32.94 -1.61 -26.76
C GLY B 161 -34.09 -0.81 -26.18
N THR B 162 -34.55 -1.16 -24.96
CA THR B 162 -35.68 -0.53 -24.25
C THR B 162 -35.26 0.59 -23.26
N GLN B 163 -33.95 0.94 -23.24
CA GLN B 163 -33.37 1.93 -22.33
C GLN B 163 -32.05 2.46 -22.88
N LYS B 164 -31.65 3.66 -22.42
CA LYS B 164 -30.40 4.34 -22.72
C LYS B 164 -30.07 5.25 -21.51
N VAL B 165 -29.11 4.84 -20.71
CA VAL B 165 -28.66 5.61 -19.57
C VAL B 165 -27.36 6.30 -20.02
N THR B 166 -27.23 7.58 -19.72
CA THR B 166 -26.04 8.39 -20.06
C THR B 166 -25.59 9.11 -18.79
N TYR B 167 -24.34 8.88 -18.39
CA TYR B 167 -23.79 9.53 -17.21
C TYR B 167 -22.72 10.47 -17.69
N LEU B 168 -22.68 11.66 -17.10
CA LEU B 168 -21.65 12.63 -17.45
C LEU B 168 -20.41 12.23 -16.68
N VAL B 169 -19.27 12.05 -17.37
CA VAL B 169 -18.03 11.74 -16.69
C VAL B 169 -17.52 13.14 -16.26
N HIS B 170 -17.42 14.07 -17.23
CA HIS B 170 -16.96 15.43 -16.98
C HIS B 170 -17.20 16.33 -18.15
N ASN B 171 -17.52 17.61 -17.86
CA ASN B 171 -17.68 18.63 -18.86
C ASN B 171 -16.40 19.43 -18.74
N PHE B 172 -15.49 19.25 -19.71
CA PHE B 172 -14.19 19.92 -19.79
C PHE B 172 -14.50 21.32 -20.23
N GLU B 173 -14.15 22.32 -19.40
CA GLU B 173 -14.44 23.74 -19.66
C GLU B 173 -13.20 24.57 -19.93
N GLU B 174 -12.17 24.50 -19.06
CA GLU B 174 -10.89 25.18 -19.31
C GLU B 174 -10.23 24.29 -20.40
N GLY B 175 -10.81 23.11 -20.54
CA GLY B 175 -10.57 22.06 -21.52
C GLY B 175 -9.20 21.45 -21.66
N GLY B 176 -9.22 20.20 -22.06
CA GLY B 176 -8.03 19.41 -22.28
C GLY B 176 -7.78 18.52 -21.09
N GLY B 177 -7.52 17.27 -21.38
CA GLY B 177 -7.24 16.32 -20.33
C GLY B 177 -7.15 14.88 -20.79
N VAL B 178 -7.59 14.01 -19.92
CA VAL B 178 -7.56 12.58 -20.13
C VAL B 178 -8.81 11.94 -19.53
N ALA B 179 -9.27 10.83 -20.10
CA ALA B 179 -10.47 10.11 -19.65
C ALA B 179 -10.35 8.64 -19.97
N MET B 180 -11.05 7.80 -19.21
CA MET B 180 -11.03 6.37 -19.41
C MET B 180 -12.30 5.70 -18.97
N GLY B 181 -12.56 4.56 -19.59
CA GLY B 181 -13.69 3.71 -19.30
C GLY B 181 -13.21 2.33 -18.92
N MET B 182 -13.69 1.81 -17.80
CA MET B 182 -13.31 0.47 -17.38
C MET B 182 -14.48 -0.32 -16.88
N TYR B 183 -14.46 -1.61 -17.15
CA TYR B 183 -15.55 -2.51 -16.81
C TYR B 183 -15.04 -3.76 -16.10
N ASN B 184 -16.01 -4.59 -15.67
CA ASN B 184 -15.79 -5.87 -15.02
C ASN B 184 -17.01 -6.73 -15.29
N GLN B 185 -16.80 -7.92 -15.89
CA GLN B 185 -17.89 -8.87 -16.17
C GLN B 185 -18.21 -9.66 -14.90
N ASP B 186 -19.45 -10.14 -14.80
CA ASP B 186 -19.89 -10.93 -13.64
C ASP B 186 -19.06 -12.20 -13.41
N LYS B 187 -18.68 -12.91 -14.50
CA LYS B 187 -17.89 -14.15 -14.47
C LYS B 187 -16.59 -14.02 -13.72
N SER B 188 -15.80 -12.95 -13.97
CA SER B 188 -14.52 -12.75 -13.27
C SER B 188 -14.70 -12.40 -11.80
N ILE B 189 -15.85 -11.80 -11.42
CA ILE B 189 -16.14 -11.50 -10.01
C ILE B 189 -16.45 -12.84 -9.32
N GLU B 190 -17.20 -13.74 -10.02
CA GLU B 190 -17.60 -15.08 -9.58
C GLU B 190 -16.38 -15.97 -9.43
N ASP B 191 -15.48 -15.96 -10.44
CA ASP B 191 -14.24 -16.72 -10.46
C ASP B 191 -13.37 -16.38 -9.25
N PHE B 192 -13.32 -15.07 -8.88
CA PHE B 192 -12.60 -14.52 -7.73
C PHE B 192 -13.24 -15.06 -6.44
N ALA B 193 -14.59 -15.14 -6.39
CA ALA B 193 -15.34 -15.68 -5.24
C ALA B 193 -15.12 -17.19 -5.11
N HIS B 194 -15.22 -17.96 -6.21
CA HIS B 194 -15.00 -19.41 -6.23
C HIS B 194 -13.59 -19.77 -5.79
N SER B 195 -12.56 -19.11 -6.36
CA SER B 195 -11.16 -19.34 -5.96
C SER B 195 -11.03 -19.05 -4.45
N SER B 196 -11.61 -17.92 -3.97
CA SER B 196 -11.58 -17.52 -2.56
C SER B 196 -12.29 -18.50 -1.64
N PHE B 197 -13.48 -19.00 -2.02
CA PHE B 197 -14.24 -19.96 -1.21
C PHE B 197 -13.55 -21.33 -1.17
N GLN B 198 -13.01 -21.80 -2.30
CA GLN B 198 -12.27 -23.06 -2.41
C GLN B 198 -10.93 -22.98 -1.64
N MET B 199 -10.33 -21.74 -1.54
CA MET B 199 -9.09 -21.48 -0.81
C MET B 199 -9.34 -21.60 0.70
N ALA B 200 -10.50 -21.09 1.17
CA ALA B 200 -10.90 -21.11 2.57
C ALA B 200 -11.28 -22.52 3.06
N LEU B 201 -11.74 -23.38 2.12
CA LEU B 201 -12.09 -24.75 2.45
C LEU B 201 -10.82 -25.57 2.63
N SER B 202 -9.91 -25.53 1.62
CA SER B 202 -8.61 -26.22 1.62
C SER B 202 -7.74 -25.88 2.85
N LYS B 203 -7.70 -24.61 3.28
CA LYS B 203 -6.92 -24.17 4.43
C LYS B 203 -7.69 -24.31 5.76
N GLY B 204 -9.01 -24.45 5.66
CA GLY B 204 -9.91 -24.61 6.79
C GLY B 204 -10.09 -23.39 7.67
N TRP B 205 -9.82 -22.18 7.13
CA TRP B 205 -9.94 -20.89 7.84
C TRP B 205 -11.06 -19.98 7.31
N PRO B 206 -11.62 -19.03 8.13
CA PRO B 206 -12.65 -18.14 7.61
C PRO B 206 -12.20 -17.19 6.49
N LEU B 207 -13.10 -16.94 5.53
CA LEU B 207 -12.90 -16.04 4.39
C LEU B 207 -13.59 -14.72 4.65
N TYR B 208 -12.87 -13.64 4.36
CA TYR B 208 -13.36 -12.30 4.51
C TYR B 208 -13.12 -11.51 3.21
N LEU B 209 -14.16 -10.79 2.72
CA LEU B 209 -14.05 -9.94 1.53
C LEU B 209 -14.02 -8.49 1.98
N SER B 210 -12.98 -7.75 1.58
CA SER B 210 -12.85 -6.33 1.90
C SER B 210 -13.13 -5.50 0.66
N THR B 211 -13.82 -4.37 0.86
CA THR B 211 -14.22 -3.46 -0.20
C THR B 211 -14.23 -1.98 0.26
N LYS B 212 -14.29 -1.05 -0.71
CA LYS B 212 -14.37 0.38 -0.49
C LYS B 212 -15.67 0.87 -1.18
N ASN B 213 -16.84 0.24 -0.83
CA ASN B 213 -18.17 0.57 -1.39
C ASN B 213 -18.85 1.80 -0.78
N THR B 214 -18.06 2.67 -0.13
CA THR B 214 -18.48 3.94 0.43
C THR B 214 -18.32 4.95 -0.73
N ILE B 215 -17.16 4.85 -1.44
CA ILE B 215 -16.78 5.67 -2.60
C ILE B 215 -17.41 4.99 -3.86
N LEU B 216 -16.68 4.00 -4.47
CA LEU B 216 -17.08 3.23 -5.66
C LEU B 216 -18.24 2.27 -5.33
N LYS B 217 -19.34 2.84 -4.81
CA LYS B 217 -20.57 2.17 -4.39
C LYS B 217 -21.03 1.01 -5.30
N LYS B 218 -21.46 1.32 -6.53
CA LYS B 218 -21.97 0.33 -7.50
C LYS B 218 -20.96 -0.75 -7.94
N TYR B 219 -19.71 -0.34 -8.21
CA TYR B 219 -18.62 -1.23 -8.63
C TYR B 219 -18.31 -2.26 -7.54
N ASP B 220 -18.02 -1.78 -6.33
CA ASP B 220 -17.70 -2.62 -5.17
C ASP B 220 -18.91 -3.36 -4.59
N GLY B 221 -20.10 -2.75 -4.71
CA GLY B 221 -21.35 -3.36 -4.24
C GLY B 221 -21.69 -4.64 -4.98
N ARG B 222 -21.26 -4.75 -6.25
CA ARG B 222 -21.49 -5.95 -7.05
C ARG B 222 -20.65 -7.11 -6.54
N PHE B 223 -19.43 -6.79 -6.05
CA PHE B 223 -18.50 -7.77 -5.50
C PHE B 223 -19.10 -8.33 -4.21
N LYS B 224 -19.64 -7.44 -3.34
CA LYS B 224 -20.30 -7.77 -2.07
C LYS B 224 -21.46 -8.75 -2.31
N ASP B 225 -22.35 -8.41 -3.27
CA ASP B 225 -23.54 -9.18 -3.66
C ASP B 225 -23.22 -10.54 -4.32
N ILE B 226 -22.29 -10.57 -5.29
CA ILE B 226 -21.91 -11.82 -5.98
C ILE B 226 -21.29 -12.84 -5.00
N PHE B 227 -20.44 -12.38 -4.08
CA PHE B 227 -19.80 -13.25 -3.10
C PHE B 227 -20.86 -13.91 -2.22
N GLN B 228 -21.76 -13.10 -1.61
CA GLN B 228 -22.86 -13.54 -0.76
C GLN B 228 -23.79 -14.55 -1.48
N GLU B 229 -24.17 -14.26 -2.74
CA GLU B 229 -25.05 -15.16 -3.51
C GLU B 229 -24.40 -16.52 -3.72
N ILE B 230 -23.10 -16.54 -4.10
CA ILE B 230 -22.30 -17.75 -4.34
C ILE B 230 -22.17 -18.57 -3.03
N TYR B 231 -21.96 -17.87 -1.90
CA TYR B 231 -21.84 -18.47 -0.56
C TYR B 231 -23.12 -19.22 -0.20
N ASP B 232 -24.25 -18.48 -0.12
CA ASP B 232 -25.58 -18.99 0.19
C ASP B 232 -26.05 -20.10 -0.77
N LYS B 233 -25.67 -20.04 -2.05
CA LYS B 233 -26.08 -21.03 -3.06
C LYS B 233 -25.21 -22.28 -3.23
N GLN B 234 -23.97 -22.30 -2.69
CA GLN B 234 -23.08 -23.48 -2.82
C GLN B 234 -21.91 -23.58 -1.84
N TYR B 235 -21.86 -22.73 -0.78
CA TYR B 235 -20.75 -22.78 0.17
C TYR B 235 -21.08 -22.75 1.65
N LYS B 236 -22.15 -22.03 2.07
CA LYS B 236 -22.57 -21.90 3.49
C LYS B 236 -22.60 -23.21 4.28
N SER B 237 -23.06 -24.33 3.65
CA SER B 237 -23.15 -25.66 4.26
C SER B 237 -21.81 -26.11 4.82
N GLN B 238 -20.85 -26.37 3.92
CA GLN B 238 -19.49 -26.82 4.19
C GLN B 238 -18.67 -25.88 5.07
N PHE B 239 -18.99 -24.58 5.07
CA PHE B 239 -18.31 -23.57 5.90
C PHE B 239 -18.73 -23.75 7.36
N GLU B 240 -20.06 -23.76 7.62
CA GLU B 240 -20.66 -23.94 8.95
C GLU B 240 -20.32 -25.33 9.53
N ALA B 241 -20.20 -26.36 8.63
CA ALA B 241 -19.87 -27.75 8.93
C ALA B 241 -18.34 -28.00 9.08
N GLN B 242 -17.56 -26.92 9.23
CA GLN B 242 -16.10 -26.94 9.42
C GLN B 242 -15.71 -25.78 10.36
N LYS B 243 -16.75 -25.15 10.99
CA LYS B 243 -16.66 -24.02 11.92
C LYS B 243 -16.18 -22.70 11.28
N ILE B 244 -16.00 -22.73 9.93
CA ILE B 244 -15.57 -21.63 9.08
C ILE B 244 -16.82 -20.77 8.75
N TRP B 245 -16.61 -19.59 8.13
CA TRP B 245 -17.65 -18.66 7.70
C TRP B 245 -17.13 -17.67 6.65
N TYR B 246 -18.07 -16.95 5.99
CA TYR B 246 -17.78 -15.89 5.04
C TYR B 246 -18.41 -14.62 5.62
N GLU B 247 -17.67 -13.53 5.58
CA GLU B 247 -18.13 -12.27 6.12
C GLU B 247 -17.51 -11.11 5.34
N HIS B 248 -18.35 -10.18 4.86
CA HIS B 248 -17.89 -8.99 4.14
C HIS B 248 -17.59 -7.93 5.17
N ARG B 249 -16.49 -7.22 5.01
CA ARG B 249 -16.09 -6.15 5.91
C ARG B 249 -15.59 -5.00 5.08
N LEU B 250 -15.77 -3.77 5.56
CA LEU B 250 -15.29 -2.60 4.85
C LEU B 250 -13.81 -2.46 5.14
N ILE B 251 -13.04 -1.88 4.20
CA ILE B 251 -11.59 -1.68 4.29
C ILE B 251 -11.06 -1.30 5.67
N ASP B 252 -11.62 -0.23 6.25
CA ASP B 252 -11.22 0.30 7.55
C ASP B 252 -11.57 -0.59 8.74
N ASP B 253 -12.75 -1.27 8.70
CA ASP B 253 -13.19 -2.19 9.76
C ASP B 253 -12.37 -3.50 9.67
N MET B 254 -11.88 -3.84 8.44
CA MET B 254 -11.07 -5.05 8.16
C MET B 254 -9.64 -4.91 8.68
N VAL B 255 -8.95 -3.81 8.29
CA VAL B 255 -7.57 -3.52 8.69
C VAL B 255 -7.48 -3.40 10.23
N ALA B 256 -8.56 -2.88 10.87
CA ALA B 256 -8.67 -2.73 12.33
C ALA B 256 -8.74 -4.11 13.02
N GLN B 257 -9.71 -4.97 12.62
CA GLN B 257 -9.94 -6.31 13.17
C GLN B 257 -8.75 -7.27 12.97
N ALA B 258 -8.00 -7.11 11.86
CA ALA B 258 -6.84 -7.94 11.53
C ALA B 258 -5.63 -7.56 12.39
N MET B 259 -5.54 -6.27 12.78
CA MET B 259 -4.46 -5.72 13.61
C MET B 259 -4.53 -6.23 15.05
N LYS B 260 -5.73 -6.65 15.49
CA LYS B 260 -6.03 -7.19 16.81
C LYS B 260 -6.11 -8.72 16.79
N SER B 261 -6.20 -9.31 15.58
CA SER B 261 -6.32 -10.75 15.32
C SER B 261 -5.06 -11.57 15.56
N GLU B 262 -5.23 -12.91 15.56
CA GLU B 262 -4.18 -13.92 15.70
C GLU B 262 -3.81 -14.48 14.29
N GLY B 263 -4.52 -13.98 13.26
CA GLY B 263 -4.36 -14.38 11.86
C GLY B 263 -5.23 -15.57 11.55
N GLY B 264 -4.76 -16.44 10.66
CA GLY B 264 -5.48 -17.66 10.27
C GLY B 264 -6.76 -17.42 9.52
N PHE B 265 -6.72 -16.54 8.49
CA PHE B 265 -7.89 -16.22 7.67
C PHE B 265 -7.56 -15.88 6.22
N ILE B 266 -8.55 -16.08 5.31
CA ILE B 266 -8.42 -15.76 3.90
C ILE B 266 -9.01 -14.36 3.70
N TRP B 267 -8.19 -13.47 3.14
CA TRP B 267 -8.57 -12.09 2.90
C TRP B 267 -8.64 -11.75 1.41
N ALA B 268 -9.87 -11.73 0.84
CA ALA B 268 -10.13 -11.40 -0.57
C ALA B 268 -10.17 -9.88 -0.69
N CYS B 269 -9.26 -9.33 -1.50
CA CYS B 269 -9.06 -7.90 -1.76
C CYS B 269 -9.58 -7.43 -3.11
N LYS B 270 -10.40 -6.39 -3.08
CA LYS B 270 -10.92 -5.71 -4.27
C LYS B 270 -10.40 -4.27 -4.13
N ASN B 271 -9.45 -3.86 -5.00
CA ASN B 271 -8.85 -2.51 -4.97
C ASN B 271 -8.78 -1.83 -6.34
N SER B 287 13.05 -12.36 6.29
CA SER B 287 11.91 -11.94 5.47
C SER B 287 12.14 -12.18 3.99
N LEU B 288 11.12 -11.87 3.15
CA LEU B 288 11.07 -12.03 1.68
C LEU B 288 11.17 -13.49 1.18
N GLY B 289 12.09 -14.25 1.77
CA GLY B 289 12.27 -15.66 1.47
C GLY B 289 11.29 -16.50 2.28
N MET B 290 10.31 -15.83 2.92
CA MET B 290 9.25 -16.37 3.78
C MET B 290 7.84 -16.19 3.23
N MET B 291 7.72 -15.90 1.93
CA MET B 291 6.39 -15.76 1.33
C MET B 291 6.20 -16.51 0.02
N THR B 292 5.07 -17.20 -0.08
CA THR B 292 4.68 -17.95 -1.27
C THR B 292 3.55 -17.24 -1.98
N SER B 293 3.36 -17.59 -3.25
CA SER B 293 2.35 -17.02 -4.10
C SER B 293 1.74 -18.22 -4.81
N VAL B 294 0.41 -18.39 -4.74
CA VAL B 294 -0.22 -19.54 -5.38
C VAL B 294 -1.36 -19.09 -6.31
N LEU B 295 -1.29 -19.48 -7.58
CA LEU B 295 -2.32 -19.16 -8.55
C LEU B 295 -3.36 -20.27 -8.41
N VAL B 296 -4.56 -19.90 -7.98
CA VAL B 296 -5.65 -20.84 -7.78
C VAL B 296 -6.67 -20.58 -8.89
N CYS B 297 -6.86 -21.56 -9.77
CA CYS B 297 -7.81 -21.43 -10.86
C CYS B 297 -9.24 -21.67 -10.31
N PRO B 298 -10.28 -20.96 -10.84
CA PRO B 298 -11.66 -21.12 -10.28
C PRO B 298 -12.25 -22.53 -10.18
N ASP B 299 -11.80 -23.45 -11.09
CA ASP B 299 -12.23 -24.86 -11.15
C ASP B 299 -11.80 -25.68 -9.93
N GLY B 300 -10.88 -25.15 -9.11
CA GLY B 300 -10.38 -25.82 -7.91
C GLY B 300 -9.48 -27.00 -8.21
N LYS B 301 -9.16 -27.22 -9.50
CA LYS B 301 -8.33 -28.33 -9.97
C LYS B 301 -6.87 -27.95 -10.25
N THR B 302 -6.65 -26.81 -10.90
CA THR B 302 -5.34 -26.32 -11.29
C THR B 302 -4.76 -25.32 -10.27
N VAL B 303 -3.48 -25.52 -9.94
CA VAL B 303 -2.75 -24.69 -8.99
C VAL B 303 -1.31 -24.52 -9.51
N GLU B 304 -0.77 -23.30 -9.40
CA GLU B 304 0.60 -22.96 -9.79
C GLU B 304 1.23 -22.28 -8.59
N ALA B 305 2.25 -22.90 -7.97
CA ALA B 305 2.92 -22.36 -6.80
C ALA B 305 4.32 -21.89 -7.09
N GLU B 306 4.71 -20.79 -6.42
CA GLU B 306 6.04 -20.18 -6.54
C GLU B 306 6.33 -19.30 -5.36
N ALA B 307 7.62 -19.07 -5.09
CA ALA B 307 8.11 -18.15 -4.05
C ALA B 307 7.70 -16.72 -4.47
N ALA B 308 7.33 -15.89 -3.51
CA ALA B 308 6.94 -14.50 -3.80
C ALA B 308 8.16 -13.55 -3.67
N HIS B 309 9.23 -13.86 -4.41
CA HIS B 309 10.47 -13.09 -4.46
C HIS B 309 11.16 -13.32 -5.79
N GLY B 310 12.17 -12.54 -6.11
CA GLY B 310 12.87 -12.67 -7.38
C GLY B 310 13.99 -13.69 -7.42
N THR B 311 14.90 -13.53 -8.40
CA THR B 311 16.05 -14.41 -8.62
C THR B 311 17.20 -14.24 -7.65
N VAL B 312 17.13 -13.19 -6.80
CA VAL B 312 18.12 -12.82 -5.77
C VAL B 312 19.47 -12.53 -6.44
N THR B 313 19.47 -11.64 -7.47
CA THR B 313 20.66 -11.23 -8.27
C THR B 313 21.95 -10.96 -7.43
N ARG B 314 21.83 -10.12 -6.37
CA ARG B 314 22.88 -9.73 -5.44
C ARG B 314 23.66 -10.96 -4.93
N HIS B 315 22.94 -12.01 -4.47
CA HIS B 315 23.51 -13.26 -3.96
C HIS B 315 24.14 -14.06 -5.09
N TYR B 316 23.55 -13.98 -6.29
CA TYR B 316 24.11 -14.69 -7.44
C TYR B 316 25.48 -14.10 -7.82
N ARG B 317 25.59 -12.74 -7.80
CA ARG B 317 26.82 -12.01 -8.10
C ARG B 317 27.92 -12.40 -7.10
N MET B 318 27.53 -12.62 -5.80
CA MET B 318 28.46 -13.02 -4.73
C MET B 318 28.97 -14.41 -5.05
N TYR B 319 28.05 -15.32 -5.45
CA TYR B 319 28.31 -16.71 -5.84
C TYR B 319 29.31 -16.76 -7.02
N GLN B 320 29.12 -15.88 -8.02
CA GLN B 320 30.01 -15.78 -9.21
C GLN B 320 31.39 -15.24 -8.85
N LYS B 321 31.51 -14.46 -7.75
CA LYS B 321 32.76 -13.88 -7.27
C LYS B 321 33.45 -14.79 -6.24
N GLY B 322 32.91 -15.99 -6.02
CA GLY B 322 33.46 -16.94 -5.07
C GLY B 322 33.18 -16.60 -3.60
N GLN B 323 32.23 -15.70 -3.32
CA GLN B 323 31.87 -15.34 -1.94
C GLN B 323 30.80 -16.24 -1.38
N GLU B 324 30.86 -16.50 -0.06
CA GLU B 324 29.88 -17.34 0.64
C GLU B 324 28.52 -16.62 0.60
N THR B 325 27.45 -17.36 0.28
CA THR B 325 26.11 -16.79 0.25
C THR B 325 25.27 -17.42 1.35
N SER B 326 24.21 -16.71 1.78
CA SER B 326 23.26 -17.20 2.76
C SER B 326 21.89 -16.84 2.23
N THR B 327 21.40 -17.69 1.30
CA THR B 327 20.10 -17.49 0.64
C THR B 327 19.02 -18.35 1.28
N ASN B 328 17.90 -17.70 1.64
CA ASN B 328 16.75 -18.33 2.27
C ASN B 328 15.98 -19.16 1.23
N PRO B 329 15.92 -20.50 1.40
CA PRO B 329 15.21 -21.36 0.43
C PRO B 329 13.77 -21.71 0.77
N ILE B 330 13.27 -21.19 1.92
CA ILE B 330 11.94 -21.49 2.45
C ILE B 330 10.77 -21.29 1.51
N ALA B 331 10.67 -20.08 0.91
CA ALA B 331 9.58 -19.75 -0.02
C ALA B 331 9.59 -20.73 -1.19
N SER B 332 10.80 -21.08 -1.72
CA SER B 332 10.97 -22.05 -2.82
C SER B 332 10.56 -23.47 -2.38
N ILE B 333 10.88 -23.89 -1.13
CA ILE B 333 10.52 -25.22 -0.58
C ILE B 333 9.00 -25.26 -0.47
N PHE B 334 8.38 -24.17 0.02
CA PHE B 334 6.92 -24.10 0.15
C PHE B 334 6.17 -24.08 -1.20
N ALA B 335 6.86 -23.71 -2.32
CA ALA B 335 6.28 -23.75 -3.67
C ALA B 335 6.14 -25.26 -3.98
N TRP B 336 7.19 -26.04 -3.68
CA TRP B 336 7.18 -27.50 -3.86
C TRP B 336 6.15 -28.20 -2.97
N THR B 337 6.14 -27.91 -1.65
CA THR B 337 5.19 -28.53 -0.72
C THR B 337 3.75 -28.19 -1.06
N ARG B 338 3.45 -26.92 -1.42
CA ARG B 338 2.08 -26.55 -1.80
C ARG B 338 1.64 -27.28 -3.05
N GLY B 339 2.55 -27.36 -4.03
CA GLY B 339 2.31 -28.05 -5.28
C GLY B 339 2.07 -29.53 -5.06
N LEU B 340 2.98 -30.20 -4.30
CA LEU B 340 2.89 -31.62 -3.97
C LEU B 340 1.66 -31.94 -3.11
N ALA B 341 1.28 -31.01 -2.19
CA ALA B 341 0.08 -31.16 -1.35
C ALA B 341 -1.19 -31.13 -2.21
N HIS B 342 -1.18 -30.31 -3.27
CA HIS B 342 -2.32 -30.22 -4.17
C HIS B 342 -2.39 -31.50 -5.03
N ARG B 343 -1.21 -31.99 -5.49
CA ARG B 343 -1.10 -33.22 -6.28
C ARG B 343 -1.64 -34.43 -5.46
N ALA B 344 -1.28 -34.50 -4.17
CA ALA B 344 -1.71 -35.51 -3.21
C ALA B 344 -3.24 -35.44 -3.02
N LYS B 345 -3.81 -34.20 -2.92
CA LYS B 345 -5.25 -33.95 -2.74
C LYS B 345 -6.03 -34.43 -3.97
N LEU B 346 -5.47 -34.17 -5.18
CA LEU B 346 -6.10 -34.58 -6.44
C LEU B 346 -6.08 -36.09 -6.65
N ASP B 347 -5.02 -36.76 -6.21
CA ASP B 347 -4.84 -38.21 -6.39
C ASP B 347 -5.18 -39.10 -5.18
N ASN B 348 -5.61 -38.49 -4.05
CA ASN B 348 -5.91 -39.19 -2.79
C ASN B 348 -4.70 -40.06 -2.42
N ASN B 349 -3.53 -39.39 -2.41
CA ASN B 349 -2.22 -39.98 -2.14
C ASN B 349 -1.77 -39.55 -0.75
N LYS B 350 -2.04 -40.42 0.24
CA LYS B 350 -1.74 -40.20 1.65
C LYS B 350 -0.25 -40.05 1.94
N GLU B 351 0.60 -40.88 1.28
CA GLU B 351 2.07 -40.87 1.43
C GLU B 351 2.66 -39.52 0.99
N LEU B 352 2.20 -39.01 -0.17
CA LEU B 352 2.65 -37.73 -0.69
C LEU B 352 2.12 -36.59 0.19
N ALA B 353 0.85 -36.69 0.65
CA ALA B 353 0.24 -35.70 1.53
C ALA B 353 1.03 -35.61 2.82
N PHE B 354 1.48 -36.77 3.34
CA PHE B 354 2.29 -36.84 4.56
C PHE B 354 3.66 -36.20 4.34
N PHE B 355 4.28 -36.48 3.16
CA PHE B 355 5.58 -35.93 2.81
C PHE B 355 5.57 -34.39 2.75
N ALA B 356 4.66 -33.82 1.94
CA ALA B 356 4.53 -32.37 1.77
C ALA B 356 4.43 -31.64 3.11
N ASN B 357 3.59 -32.14 4.01
CA ASN B 357 3.41 -31.56 5.34
C ASN B 357 4.63 -31.78 6.21
N ALA B 358 5.25 -32.99 6.16
CA ALA B 358 6.46 -33.29 6.97
C ALA B 358 7.62 -32.34 6.61
N LEU B 359 7.81 -32.05 5.28
CA LEU B 359 8.84 -31.15 4.78
C LEU B 359 8.57 -29.70 5.25
N GLU B 360 7.28 -29.30 5.35
CA GLU B 360 6.89 -27.98 5.84
C GLU B 360 7.23 -27.87 7.32
N GLU B 361 6.92 -28.93 8.11
CA GLU B 361 7.21 -28.99 9.55
C GLU B 361 8.72 -28.92 9.83
N VAL B 362 9.52 -29.69 9.08
CA VAL B 362 10.98 -29.71 9.20
C VAL B 362 11.60 -28.33 8.97
N SER B 363 11.04 -27.58 7.99
CA SER B 363 11.50 -26.24 7.62
C SER B 363 11.27 -25.29 8.75
N ILE B 364 10.05 -25.29 9.33
CA ILE B 364 9.69 -24.42 10.46
C ILE B 364 10.51 -24.75 11.73
N GLU B 365 10.52 -26.04 12.14
CA GLU B 365 11.24 -26.60 13.30
C GLU B 365 12.71 -26.27 13.30
N THR B 366 13.41 -26.38 12.15
CA THR B 366 14.85 -26.06 12.00
C THR B 366 15.10 -24.59 12.33
N ILE B 367 14.29 -23.68 11.76
CA ILE B 367 14.42 -22.25 12.04
C ILE B 367 14.14 -21.99 13.54
N GLU B 368 13.03 -22.55 14.06
CA GLU B 368 12.66 -22.41 15.47
C GLU B 368 13.75 -22.95 16.43
N ALA B 369 14.54 -23.94 15.97
CA ALA B 369 15.66 -24.51 16.74
C ALA B 369 16.92 -23.62 16.76
N GLY B 370 16.88 -22.49 16.05
CA GLY B 370 17.98 -21.53 15.95
C GLY B 370 18.87 -21.65 14.71
N PHE B 371 18.53 -22.53 13.75
CA PHE B 371 19.31 -22.74 12.52
C PHE B 371 18.66 -21.97 11.38
N MET B 372 19.32 -20.92 10.91
CA MET B 372 18.74 -20.09 9.87
C MET B 372 19.79 -19.41 9.01
N THR B 373 19.34 -18.80 7.89
CA THR B 373 20.17 -18.05 6.96
C THR B 373 20.32 -16.61 7.49
N LYS B 374 21.30 -15.85 6.97
CA LYS B 374 21.60 -14.47 7.37
C LYS B 374 20.41 -13.51 7.48
N ASP B 375 19.56 -13.47 6.45
CA ASP B 375 18.36 -12.60 6.38
C ASP B 375 17.41 -12.77 7.61
N LEU B 376 17.24 -14.00 8.09
CA LEU B 376 16.41 -14.31 9.25
C LEU B 376 17.09 -13.90 10.52
N ALA B 377 18.43 -14.13 10.62
CA ALA B 377 19.22 -13.71 11.78
C ALA B 377 19.16 -12.18 11.88
N ALA B 378 19.17 -11.51 10.71
CA ALA B 378 19.05 -10.04 10.60
C ALA B 378 17.67 -9.56 11.09
N CYS B 379 16.58 -10.35 10.85
CA CYS B 379 15.22 -10.03 11.33
C CYS B 379 15.19 -10.01 12.86
N ILE B 380 15.80 -11.03 13.51
CA ILE B 380 15.86 -11.14 14.98
C ILE B 380 16.79 -10.07 15.59
N LYS B 381 18.14 -10.26 15.46
CA LYS B 381 19.23 -9.44 15.99
C LYS B 381 19.40 -8.02 15.43
N GLY B 382 19.15 -7.84 14.13
CA GLY B 382 19.36 -6.57 13.44
C GLY B 382 20.68 -6.69 12.68
N LEU B 383 20.64 -6.48 11.33
CA LEU B 383 21.81 -6.59 10.44
C LEU B 383 23.18 -6.17 11.02
N PRO B 384 23.35 -4.97 11.66
CA PRO B 384 24.67 -4.61 12.22
C PRO B 384 25.14 -5.43 13.42
N ASN B 385 24.25 -6.19 14.05
CA ASN B 385 24.56 -7.02 15.22
C ASN B 385 24.70 -8.50 14.87
N VAL B 386 24.65 -8.85 13.55
CA VAL B 386 24.75 -10.24 13.07
C VAL B 386 26.23 -10.64 12.88
N GLN B 387 26.62 -11.75 13.53
CA GLN B 387 27.96 -12.31 13.45
C GLN B 387 27.83 -13.69 12.79
N ARG B 388 28.85 -14.13 12.03
CA ARG B 388 28.88 -15.40 11.30
C ARG B 388 28.27 -16.61 12.03
N SER B 389 28.47 -16.71 13.36
CA SER B 389 27.93 -17.81 14.19
C SER B 389 26.40 -17.77 14.37
N ASP B 390 25.76 -16.62 14.10
CA ASP B 390 24.31 -16.45 14.23
C ASP B 390 23.51 -17.09 13.08
N TYR B 391 24.22 -17.48 11.99
CA TYR B 391 23.55 -18.06 10.83
C TYR B 391 24.28 -19.21 10.15
N LEU B 392 23.59 -19.80 9.15
CA LEU B 392 24.09 -20.88 8.30
C LEU B 392 24.20 -20.37 6.87
N ASN B 393 25.20 -20.86 6.10
CA ASN B 393 25.31 -20.46 4.69
C ASN B 393 24.33 -21.33 3.90
N THR B 394 24.06 -20.97 2.63
CA THR B 394 23.12 -21.66 1.73
C THR B 394 23.19 -23.18 1.83
N PHE B 395 24.40 -23.74 1.71
CA PHE B 395 24.64 -25.18 1.75
C PHE B 395 24.49 -25.78 3.14
N GLU B 396 24.99 -25.06 4.17
CA GLU B 396 24.88 -25.51 5.56
C GLU B 396 23.42 -25.59 5.95
N PHE B 397 22.65 -24.56 5.55
CA PHE B 397 21.21 -24.55 5.84
C PHE B 397 20.52 -25.71 5.12
N MET B 398 20.77 -25.89 3.79
CA MET B 398 20.17 -27.00 3.03
C MET B 398 20.54 -28.34 3.63
N ASP B 399 21.80 -28.52 4.08
CA ASP B 399 22.29 -29.75 4.71
C ASP B 399 21.54 -30.05 5.99
N LYS B 400 21.31 -29.01 6.84
CA LYS B 400 20.58 -29.19 8.11
C LYS B 400 19.13 -29.63 7.87
N LEU B 401 18.48 -29.07 6.83
CA LEU B 401 17.11 -29.41 6.45
C LEU B 401 17.04 -30.87 6.01
N GLY B 402 17.98 -31.27 5.15
CA GLY B 402 18.08 -32.65 4.66
C GLY B 402 18.28 -33.67 5.77
N GLU B 403 19.12 -33.32 6.78
CA GLU B 403 19.41 -34.17 7.95
C GLU B 403 18.11 -34.34 8.76
N ASN B 404 17.43 -33.21 9.05
CA ASN B 404 16.19 -33.17 9.82
C ASN B 404 15.02 -33.84 9.15
N LEU B 405 15.02 -33.88 7.81
CA LEU B 405 13.98 -34.52 7.02
C LEU B 405 14.19 -36.03 7.06
N LYS B 406 15.46 -36.50 6.99
CA LYS B 406 15.79 -37.94 7.06
C LYS B 406 15.25 -38.51 8.38
N ILE B 407 15.57 -37.83 9.50
CA ILE B 407 15.13 -38.17 10.87
C ILE B 407 13.59 -38.23 10.95
N LYS B 408 12.89 -37.13 10.59
CA LYS B 408 11.43 -37.05 10.61
C LYS B 408 10.76 -38.11 9.76
N LEU B 409 11.34 -38.45 8.61
CA LEU B 409 10.76 -39.47 7.74
C LEU B 409 11.04 -40.89 8.21
N ALA B 410 12.27 -41.15 8.73
CA ALA B 410 12.68 -42.46 9.26
C ALA B 410 11.74 -42.83 10.44
N GLN B 411 11.32 -41.82 11.22
CA GLN B 411 10.40 -41.94 12.35
C GLN B 411 8.94 -41.98 11.78
N ALA B 412 8.68 -42.96 10.90
CA ALA B 412 7.41 -43.20 10.23
C ALA B 412 6.41 -43.86 11.17
C32 A1AI4 C . 0.93 8.15 2.52
C14 A1AI4 C . 9.63 6.76 7.79
C18 A1AI4 C . 5.97 4.56 3.33
C22 A1AI4 C . 4.32 3.06 4.25
C15 A1AI4 C . 8.33 6.33 7.93
C19 A1AI4 C . 5.63 4.14 2.07
C21 A1AI4 C . 4.00 2.65 2.97
C2 A1AI4 C . 3.48 8.65 3.66
C3 A1AI4 C . 4.79 8.87 4.07
C6 A1AI4 C . 3.49 6.60 4.86
C13 A1AI4 C . 9.89 7.68 6.79
C17 A1AI4 C . 5.30 4.02 4.41
C9 A1AI4 C . 7.36 6.79 7.07
C20 A1AI4 C . 4.65 3.18 1.87
C1 A1AI4 C . 2.81 7.51 4.04
C4 A1AI4 C . 5.46 7.97 4.86
C5 A1AI4 C . 4.81 6.80 5.25
C10 A1AI4 C . 7.70 7.72 6.08
C16 A1AI4 C . 5.64 4.47 5.77
C8 A1AI4 C . 5.98 6.30 7.29
C34 A1AI4 C . 0.41 7.35 4.74
C35 A1AI4 C . 1.29 5.86 3.02
C24 A1AI4 C . 4.31 3.84 -0.53
C31 A1AI4 C . 1.39 7.26 3.59
C23 A1AI4 C . 4.28 2.72 0.49
C26 A1AI4 C . 5.19 1.57 0.10
N33 A1AI4 C . 0.55 8.86 1.67
N12 A1AI4 C . 8.96 8.17 5.96
N11 A1AI4 C . 6.80 8.26 5.16
N7 A1AI4 C . 5.44 5.82 6.06
O30 A1AI4 C . 6.07 3.62 6.55
O25 A1AI4 C . 2.94 2.26 0.44
F27 A1AI4 C . 4.99 0.52 0.94
F28 A1AI4 C . 6.52 1.91 0.15
F29 A1AI4 C . 4.92 1.13 -1.16
PA NAP D . -8.24 8.94 14.70
O1A NAP D . -7.17 9.12 13.65
O2A NAP D . -8.58 10.01 15.66
O5B NAP D . -7.82 7.69 15.65
C5B NAP D . -8.40 6.36 15.69
C4B NAP D . -7.68 5.57 16.78
O4B NAP D . -6.22 5.54 16.49
C3B NAP D . -7.79 6.30 18.12
O3B NAP D . -9.00 5.96 18.79
C2B NAP D . -6.53 5.78 18.83
O2B NAP D . -6.76 4.43 19.27
C1B NAP D . -5.48 5.95 17.70
N9A NAP D . -4.84 7.31 17.57
C8A NAP D . -5.02 8.22 16.51
N7A NAP D . -4.36 9.35 16.64
C5A NAP D . -3.68 9.21 17.84
C6A NAP D . -2.80 10.07 18.54
N6A NAP D . -2.49 11.32 18.05
N1A NAP D . -2.27 9.65 19.75
C2A NAP D . -2.59 8.42 20.23
N3A NAP D . -3.43 7.52 19.63
C4A NAP D . -3.95 7.96 18.44
O3 NAP D . -9.61 8.40 14.06
PN NAP D . -11.12 8.18 14.59
O1N NAP D . -11.72 7.32 13.48
O2N NAP D . -11.27 7.89 16.09
O5D NAP D . -11.66 9.73 14.49
C5D NAP D . -12.98 10.05 14.90
C4D NAP D . -13.41 11.38 14.24
O4D NAP D . -12.27 12.05 13.62
C3D NAP D . -14.53 11.19 13.20
O3D NAP D . -15.85 11.68 13.53
C2D NAP D . -13.90 11.59 11.86
O2D NAP D . -14.83 12.34 11.06
C1D NAP D . -12.65 12.40 12.28
N1N NAP D . -11.50 12.36 11.35
C2N NAP D . -10.95 13.62 10.96
C3N NAP D . -9.89 13.76 10.13
C7N NAP D . -9.38 15.16 9.81
O7N NAP D . -9.89 16.21 10.23
N7N NAP D . -8.30 15.25 8.99
C4N NAP D . -9.23 12.47 9.57
C5N NAP D . -9.86 11.13 10.00
C6N NAP D . -10.92 11.14 10.84
P2B NAP D . -6.36 3.89 20.75
O1X NAP D . -5.12 4.70 21.15
O2X NAP D . -7.57 3.99 21.69
O3X NAP D . -6.03 2.48 20.31
C1 GOL E . 18.25 32.13 18.83
O1 GOL E . 17.75 33.03 19.85
C2 GOL E . 18.47 32.84 17.48
O2 GOL E . 19.40 32.11 16.67
C3 GOL E . 17.15 33.13 16.67
O3 GOL E . 17.47 33.68 15.34
C32 A1AI4 F . 0.09 -9.70 0.15
C14 A1AI4 F . 2.21 -13.07 9.54
C18 A1AI4 F . -0.24 -8.37 6.22
C22 A1AI4 F . 1.47 -6.73 5.77
C15 A1AI4 F . 2.87 -12.23 8.65
C19 A1AI4 F . -1.19 -7.46 5.83
C21 A1AI4 F . 0.49 -5.84 5.39
C2 A1AI4 F . 0.24 -11.26 2.40
C3 A1AI4 F . 0.15 -12.06 3.51
C6 A1AI4 F . 1.64 -9.78 3.58
C13 A1AI4 F . 1.08 -13.71 9.09
C17 A1AI4 F . 1.09 -7.99 6.17
C9 A1AI4 F . 2.37 -12.05 7.38
C20 A1AI4 F . -0.84 -6.19 5.41
C1 A1AI4 F . 0.98 -10.10 2.41
C4 A1AI4 F . 0.81 -11.74 4.67
C5 A1AI4 F . 1.56 -10.57 4.73
C10 A1AI4 F . 1.20 -12.71 7.02
C16 A1AI4 F . 2.19 -8.91 6.54
C8 A1AI4 F . 3.12 -11.14 6.47
C34 A1AI4 F . 2.42 -9.15 0.58
C35 A1AI4 F . 0.56 -7.85 1.52
C24 A1AI4 F . -2.81 -5.75 3.94
C31 A1AI4 F . 1.03 -9.24 1.17
C23 A1AI4 F . -1.86 -5.17 4.97
C26 A1AI4 F . -2.55 -4.54 6.16
N33 A1AI4 F . -0.67 -10.08 -0.64
N12 A1AI4 F . 0.58 -13.57 7.86
N11 A1AI4 F . 0.59 -12.60 5.76
N7 A1AI4 F . 2.24 -10.16 5.92
O30 A1AI4 F . 2.99 -8.47 7.36
O25 A1AI4 F . -1.22 -4.12 4.25
F27 A1AI4 F . -1.62 -4.00 7.00
F28 A1AI4 F . -3.29 -5.43 6.88
F29 A1AI4 F . -3.38 -3.53 5.76
PA NAP G . 14.66 -10.31 -5.29
O1A NAP G . 13.33 -10.47 -4.59
O2A NAP G . 15.34 -11.38 -6.01
O5B NAP G . 15.71 -9.91 -4.16
C5B NAP G . 15.94 -8.55 -3.74
C4B NAP G . 16.67 -8.64 -2.39
O4B NAP G . 15.73 -9.16 -1.36
C3B NAP G . 17.88 -9.60 -2.36
O3B NAP G . 19.06 -8.97 -2.86
C2B NAP G . 17.93 -9.92 -0.86
O2B NAP G . 18.31 -8.78 -0.08
C1B NAP G . 16.44 -10.17 -0.57
N9A NAP G . 15.93 -11.53 -0.81
C8A NAP G . 14.90 -11.94 -1.65
N7A NAP G . 14.73 -13.24 -1.63
C5A NAP G . 15.66 -13.72 -0.72
C6A NAP G . 16.01 -15.03 -0.24
N6A NAP G . 15.36 -16.16 -0.65
N1A NAP G . 17.04 -15.16 0.69
C2A NAP G . 17.72 -14.06 1.13
N3A NAP G . 17.47 -12.77 0.74
C4A NAP G . 16.44 -12.67 -0.19
O3 NAP G . 14.62 -9.04 -6.25
PN NAP G . 15.54 -8.34 -7.36
O1N NAP G . 14.83 -7.05 -7.74
O2N NAP G . 17.04 -8.35 -6.98
O5D NAP G . 15.21 -9.35 -8.58
C5D NAP G . 16.21 -9.65 -9.54
C4D NAP G . 15.62 -10.42 -10.72
O4D NAP G . 14.57 -11.33 -10.31
C3D NAP G . 15.10 -9.54 -11.85
O3D NAP G . 15.76 -9.82 -13.09
C2D NAP G . 13.58 -9.68 -11.81
O2D NAP G . 12.99 -9.60 -13.12
C1D NAP G . 13.42 -11.06 -11.16
N1N NAP G . 12.14 -11.25 -10.44
C2N NAP G . 11.42 -12.44 -10.69
C3N NAP G . 10.25 -12.76 -10.09
C7N NAP G . 9.58 -14.07 -10.45
O7N NAP G . 10.01 -14.89 -11.26
N7N NAP G . 8.42 -14.33 -9.80
C4N NAP G . 9.64 -11.76 -9.06
C5N NAP G . 10.45 -10.47 -8.84
C6N NAP G . 11.61 -10.28 -9.52
P2B NAP G . 19.77 -8.61 0.54
O1X NAP G . 20.03 -9.93 1.27
O2X NAP G . 20.57 -8.32 -0.69
O3X NAP G . 19.55 -7.41 1.46
#